data_9PKV
#
_entry.id   9PKV
#
_cell.length_a   1.00
_cell.length_b   1.00
_cell.length_c   1.00
_cell.angle_alpha   90.00
_cell.angle_beta   90.00
_cell.angle_gamma   90.00
#
_symmetry.space_group_name_H-M   'P 1'
#
loop_
_entity.id
_entity.type
_entity.pdbx_description
1 polymer 'MHC class I antigen'
2 polymer 'VHH antibody'
3 polymer 'PRAME peptide'
4 polymer 'HU-38 Heavy Chain'
5 polymer Beta-2-microglobulin
6 polymer 'HU-38 Light Chain'
7 water water
#
loop_
_entity_poly.entity_id
_entity_poly.type
_entity_poly.pdbx_seq_one_letter_code
_entity_poly.pdbx_strand_id
1 'polypeptide(L)'
;MGSHSMRYFFTSVSRPGRGEPRFIAVGYVDDTQFVRFDSDAASQRMEPRAPWIEQEGPEYWDGETRKVKAHSQTHRVDLG
TLRGYYNQSEAGSHTVQRMYGCDVGSDWRFLRGYHQYAYDGKDYIALKEDLRSWTAADMAAQTTKHKWEAAHVAEQLRAY
LEGTCVEWLRRYLENGKETLQRTDAPKTHMTHHAVSDHEATLRCWALSFYPAEITLTWQRDGEDQTQDTELVETRPAGDG
TFQKWAAVVVPSGQEQRYTCHVQHEGLPKPLTLRWEPGSGGSGGSAGGGLNDIFEAQKIEW
;
A
2 'polypeptide(L)'
;QVQLQESGGGLVQPGGSLRLSCAASGRTISRYAMSWFRQAPGKEREFVAVARRSGDGAFYADSVQGRFTVSRDDAKNTVY
LQMNSLKPEDTAVYYCAIDSDTFYSGSYDYWGQGTQVTVSS
;
K
3 'polypeptide(L)' SLLQHLIGL P
4 'polypeptide(L)'
;QVQLQESGPGLVKPSETLSLTCTVSGGSISTYYWSWIRQPPGKGLEWIGYIYYSGSTNYNPSLKSRVTISVDTSKNQFSL
KLSSVTAADMAVYYCARITEIHDAFEIWGQGTMVTVSSASTKGPSVFPLAPSSKSTSGGTAALGCLVKDYFPEPVTVSWN
SGALTSGVHTFPAVLQSSGLYSLSSVVTVPSSSLGTQTYICNVNHKPSNTKVDKRVEPKSCHHHHHHHHDYKDDDDK
;
H
5 'polypeptide(L)'
;MIQRTPKIQVYSRHPAENGKSNFLNCYVSGFHPSDIEVDLLKNGERIEKVEHSDLSFSKDWSFYLLYYTEFTPTEKDEYA
CRVNHVTLSQPKIVKWDRDM
;
B
6 'polypeptide(L)'
;DIHMTQSPSSVSASVGDRVTITCRASQGISSWLAWYQQKPGKAPKLLIYAASSLQSGVPSRFSGSESGTDFTLTISSLQP
EDFATYYCQQANSFPFTFGPGTKVDIKRTVAAPSVFIFPPSDEQLKSGTASVVCLLNNFYPREAKVQWKVDNALQSGNSQ
ESVTEQDSKDSTYSLSSTLTLSKADYEKHKVYACEVTHQGLSSPVTKSFNRGEC
;
L
#
# COMPACT_ATOMS: atom_id res chain seq x y z
N GLY A 2 -2.73 31.25 -33.86
CA GLY A 2 -1.98 31.90 -32.81
C GLY A 2 -1.50 30.94 -31.74
N SER A 3 -1.30 31.46 -30.53
CA SER A 3 -0.85 30.62 -29.42
C SER A 3 -1.98 29.70 -28.96
N HIS A 4 -1.59 28.58 -28.37
CA HIS A 4 -2.54 27.59 -27.88
C HIS A 4 -2.08 27.07 -26.53
N SER A 5 -3.02 26.50 -25.79
CA SER A 5 -2.73 25.94 -24.48
C SER A 5 -3.63 24.73 -24.26
N MET A 6 -3.18 23.84 -23.37
CA MET A 6 -3.95 22.66 -22.98
C MET A 6 -3.99 22.64 -21.46
N ARG A 7 -4.99 23.31 -20.89
CA ARG A 7 -5.15 23.34 -19.45
C ARG A 7 -5.94 22.12 -18.97
N TYR A 8 -5.68 21.74 -17.73
CA TYR A 8 -6.40 20.65 -17.09
C TYR A 8 -6.82 21.11 -15.70
N PHE A 9 -8.11 21.32 -15.49
CA PHE A 9 -8.65 21.81 -14.23
C PHE A 9 -9.24 20.65 -13.45
N PHE A 10 -8.81 20.52 -12.19
CA PHE A 10 -9.29 19.47 -11.31
C PHE A 10 -9.83 20.09 -10.04
N THR A 11 -11.04 19.69 -9.66
CA THR A 11 -11.69 20.19 -8.45
C THR A 11 -12.19 19.01 -7.64
N SER A 12 -11.80 18.97 -6.37
CA SER A 12 -12.29 17.98 -5.42
C SER A 12 -12.87 18.71 -4.22
N VAL A 13 -14.12 18.43 -3.90
CA VAL A 13 -14.82 19.07 -2.79
C VAL A 13 -15.13 18.00 -1.75
N SER A 14 -14.65 18.20 -0.53
CA SER A 14 -14.89 17.25 0.55
C SER A 14 -16.33 17.36 1.04
N ARG A 15 -17.02 16.22 1.06
CA ARG A 15 -18.40 16.18 1.53
C ARG A 15 -18.43 15.60 2.93
N PRO A 16 -18.75 16.38 3.96
CA PRO A 16 -18.71 15.85 5.33
C PRO A 16 -19.85 14.88 5.61
N GLY A 17 -19.51 13.59 5.71
CA GLY A 17 -20.50 12.57 6.00
C GLY A 17 -21.36 12.15 4.82
N ARG A 18 -21.06 12.64 3.62
CA ARG A 18 -21.83 12.29 2.43
C ARG A 18 -21.07 11.40 1.47
N GLY A 19 -19.95 10.82 1.91
CA GLY A 19 -19.22 9.87 1.08
C GLY A 19 -17.88 10.38 0.59
N GLU A 20 -17.44 9.87 -0.56
CA GLU A 20 -16.16 10.29 -1.13
C GLU A 20 -16.25 11.71 -1.65
N PRO A 21 -15.12 12.41 -1.76
CA PRO A 21 -15.15 13.78 -2.27
C PRO A 21 -15.68 13.85 -3.70
N ARG A 22 -16.36 14.94 -4.00
CA ARG A 22 -16.90 15.18 -5.33
C ARG A 22 -15.78 15.68 -6.21
N PHE A 23 -15.20 14.79 -7.01
CA PHE A 23 -14.08 15.14 -7.89
C PHE A 23 -14.61 15.38 -9.30
N ILE A 24 -14.29 16.55 -9.85
CA ILE A 24 -14.64 16.89 -11.22
C ILE A 24 -13.35 17.26 -11.94
N ALA A 25 -12.97 16.47 -12.94
CA ALA A 25 -11.81 16.72 -13.77
C ALA A 25 -12.28 17.25 -15.11
N VAL A 26 -11.69 18.34 -15.56
CA VAL A 26 -12.08 18.98 -16.82
C VAL A 26 -10.82 19.30 -17.60
N GLY A 27 -10.77 18.86 -18.84
CA GLY A 27 -9.65 19.13 -19.72
C GLY A 27 -10.05 20.17 -20.77
N TYR A 28 -9.16 21.14 -20.98
CA TYR A 28 -9.42 22.26 -21.87
C TYR A 28 -8.29 22.39 -22.88
N VAL A 29 -8.66 22.68 -24.12
CA VAL A 29 -7.72 23.10 -25.15
C VAL A 29 -8.17 24.49 -25.57
N ASP A 30 -7.46 25.52 -25.12
CA ASP A 30 -7.87 26.92 -25.26
C ASP A 30 -9.19 27.08 -24.52
N ASP A 31 -10.28 27.47 -25.17
CA ASP A 31 -11.57 27.65 -24.53
C ASP A 31 -12.58 26.59 -24.97
N THR A 32 -12.09 25.39 -25.27
CA THR A 32 -12.95 24.28 -25.67
C THR A 32 -12.68 23.12 -24.73
N GLN A 33 -13.71 22.68 -24.02
CA GLN A 33 -13.59 21.51 -23.16
C GLN A 33 -13.81 20.25 -23.99
N PHE A 34 -12.82 19.35 -23.97
CA PHE A 34 -12.88 18.14 -24.77
C PHE A 34 -13.01 16.87 -23.96
N VAL A 35 -12.71 16.90 -22.66
CA VAL A 35 -12.87 15.76 -21.79
C VAL A 35 -13.44 16.22 -20.46
N ARG A 36 -13.99 15.26 -19.71
CA ARG A 36 -14.55 15.52 -18.40
C ARG A 36 -14.54 14.24 -17.60
N PHE A 37 -14.64 14.38 -16.29
CA PHE A 37 -14.74 13.22 -15.41
C PHE A 37 -15.44 13.65 -14.13
N ASP A 38 -16.70 13.26 -13.96
CA ASP A 38 -17.44 13.46 -12.73
C ASP A 38 -17.44 12.16 -11.96
N SER A 39 -16.93 12.17 -10.73
CA SER A 39 -16.89 10.97 -9.92
C SER A 39 -18.28 10.48 -9.52
N ASP A 40 -19.27 11.37 -9.54
CA ASP A 40 -20.64 11.00 -9.20
C ASP A 40 -21.40 10.43 -10.37
N ALA A 41 -20.87 10.51 -11.59
CA ALA A 41 -21.54 9.96 -12.74
C ALA A 41 -21.44 8.43 -12.73
N ALA A 42 -22.41 7.80 -13.41
CA ALA A 42 -22.44 6.34 -13.47
C ALA A 42 -21.43 5.77 -14.46
N SER A 43 -20.95 6.57 -15.40
CA SER A 43 -20.03 6.07 -16.42
C SER A 43 -18.72 5.59 -15.80
N GLN A 44 -18.17 6.36 -14.87
CA GLN A 44 -16.86 6.09 -14.27
C GLN A 44 -15.76 5.99 -15.32
N ARG A 45 -15.90 6.76 -16.39
CA ARG A 45 -14.90 6.83 -17.46
C ARG A 45 -14.65 8.30 -17.78
N MET A 46 -13.59 8.56 -18.55
CA MET A 46 -13.27 9.91 -18.98
C MET A 46 -14.21 10.26 -20.12
N GLU A 47 -15.32 10.90 -19.79
CA GLU A 47 -16.36 11.16 -20.79
C GLU A 47 -15.85 12.17 -21.80
N PRO A 48 -15.95 11.87 -23.10
CA PRO A 48 -15.53 12.86 -24.12
C PRO A 48 -16.54 13.99 -24.22
N ARG A 49 -16.03 15.22 -24.29
CA ARG A 49 -16.86 16.41 -24.44
C ARG A 49 -16.64 17.12 -25.76
N ALA A 50 -16.00 16.45 -26.72
CA ALA A 50 -15.75 17.02 -28.03
C ALA A 50 -16.04 15.97 -29.09
N PRO A 51 -16.46 16.39 -30.29
CA PRO A 51 -16.66 15.40 -31.36
C PRO A 51 -15.35 14.89 -31.95
N TRP A 52 -14.31 15.72 -32.00
CA TRP A 52 -13.05 15.30 -32.57
C TRP A 52 -12.27 14.37 -31.66
N ILE A 53 -12.43 14.50 -30.34
CA ILE A 53 -11.75 13.58 -29.43
C ILE A 53 -12.36 12.18 -29.49
N GLU A 54 -13.56 12.05 -30.07
CA GLU A 54 -14.14 10.74 -30.30
C GLU A 54 -13.44 9.97 -31.40
N GLN A 55 -12.68 10.66 -32.26
CA GLN A 55 -11.93 9.96 -33.31
C GLN A 55 -10.86 9.05 -32.74
N GLU A 56 -10.47 9.25 -31.49
CA GLU A 56 -9.50 8.38 -30.82
C GLU A 56 -10.27 7.28 -30.09
N GLY A 57 -9.95 6.02 -30.39
CA GLY A 57 -10.71 4.90 -29.89
C GLY A 57 -10.16 4.37 -28.58
N PRO A 58 -10.10 3.03 -28.46
CA PRO A 58 -9.61 2.42 -27.22
C PRO A 58 -8.14 2.69 -26.98
N GLU A 59 -7.59 2.13 -25.90
CA GLU A 59 -6.20 2.24 -25.48
C GLU A 59 -5.77 3.69 -25.36
N TYR A 60 -6.73 4.61 -25.48
CA TYR A 60 -6.56 6.02 -25.15
C TYR A 60 -7.51 6.45 -24.06
N TRP A 61 -8.80 6.11 -24.21
CA TRP A 61 -9.75 6.31 -23.12
C TRP A 61 -9.47 5.40 -21.94
N ASP A 62 -8.96 4.19 -22.20
CA ASP A 62 -8.55 3.31 -21.12
C ASP A 62 -7.33 3.88 -20.40
N GLY A 63 -6.53 4.67 -21.08
CA GLY A 63 -5.37 5.31 -20.47
C GLY A 63 -5.72 6.63 -19.81
N GLU A 64 -6.59 7.41 -20.47
CA GLU A 64 -7.08 8.64 -19.85
C GLU A 64 -7.88 8.34 -18.59
N THR A 65 -8.71 7.30 -18.62
CA THR A 65 -9.45 6.90 -17.43
C THR A 65 -8.51 6.44 -16.32
N ARG A 66 -7.48 5.66 -16.68
CA ARG A 66 -6.53 5.21 -15.66
C ARG A 66 -5.79 6.36 -15.02
N LYS A 67 -5.52 7.43 -15.79
CA LYS A 67 -4.79 8.57 -15.25
C LYS A 67 -5.71 9.55 -14.53
N VAL A 68 -7.00 9.59 -14.88
CA VAL A 68 -7.90 10.53 -14.23
C VAL A 68 -8.39 10.01 -12.89
N LYS A 69 -8.46 8.69 -12.71
CA LYS A 69 -8.68 8.15 -11.39
C LYS A 69 -7.43 8.24 -10.52
N ALA A 70 -6.26 8.42 -11.15
CA ALA A 70 -5.06 8.74 -10.41
C ALA A 70 -5.11 10.18 -9.90
N HIS A 71 -5.62 11.10 -10.71
CA HIS A 71 -5.87 12.45 -10.24
C HIS A 71 -6.92 12.49 -9.15
N SER A 72 -7.99 11.70 -9.31
CA SER A 72 -9.04 11.65 -8.29
C SER A 72 -8.51 11.11 -6.97
N GLN A 73 -7.71 10.04 -7.02
CA GLN A 73 -7.15 9.49 -5.80
C GLN A 73 -6.12 10.44 -5.18
N THR A 74 -5.34 11.12 -6.03
CA THR A 74 -4.40 12.11 -5.51
C THR A 74 -5.12 13.28 -4.86
N HIS A 75 -6.17 13.79 -5.50
CA HIS A 75 -6.89 14.94 -4.98
C HIS A 75 -7.68 14.61 -3.72
N ARG A 76 -8.23 13.39 -3.64
CA ARG A 76 -8.96 12.99 -2.45
C ARG A 76 -8.04 12.92 -1.24
N VAL A 77 -6.84 12.37 -1.42
CA VAL A 77 -5.87 12.34 -0.32
C VAL A 77 -5.36 13.73 -0.01
N ASP A 78 -5.14 14.54 -1.06
CA ASP A 78 -4.64 15.90 -0.85
C ASP A 78 -5.62 16.75 -0.04
N LEU A 79 -6.90 16.41 -0.08
CA LEU A 79 -7.87 17.12 0.75
C LEU A 79 -7.62 16.88 2.22
N GLY A 80 -7.24 15.66 2.59
CA GLY A 80 -6.92 15.37 3.97
C GLY A 80 -5.57 15.89 4.41
N THR A 81 -4.60 15.95 3.48
CA THR A 81 -3.30 16.52 3.82
C THR A 81 -3.42 18.00 4.13
N LEU A 82 -4.21 18.74 3.33
CA LEU A 82 -4.33 20.17 3.54
C LEU A 82 -5.21 20.49 4.74
N ARG A 83 -6.17 19.62 5.06
CA ARG A 83 -6.97 19.82 6.27
C ARG A 83 -6.09 19.72 7.52
N GLY A 84 -5.12 18.80 7.51
CA GLY A 84 -4.21 18.68 8.63
C GLY A 84 -3.15 19.77 8.67
N TYR A 85 -2.76 20.30 7.51
CA TYR A 85 -1.79 21.39 7.48
C TYR A 85 -2.34 22.63 8.18
N TYR A 86 -3.61 22.95 7.93
CA TYR A 86 -4.24 24.15 8.46
C TYR A 86 -5.02 23.90 9.74
N ASN A 87 -5.02 22.66 10.25
CA ASN A 87 -5.68 22.31 11.50
C ASN A 87 -7.17 22.69 11.46
N GLN A 88 -7.89 22.10 10.51
CA GLN A 88 -9.29 22.41 10.30
C GLN A 88 -10.17 21.27 10.80
N SER A 89 -11.44 21.58 10.98
CA SER A 89 -12.41 20.59 11.44
C SER A 89 -12.74 19.60 10.34
N GLU A 90 -13.21 18.42 10.76
CA GLU A 90 -13.58 17.37 9.81
C GLU A 90 -15.01 17.48 9.33
N ALA A 91 -15.80 18.40 9.87
CA ALA A 91 -17.20 18.55 9.51
C ALA A 91 -17.43 19.61 8.43
N GLY A 92 -16.38 20.27 7.96
CA GLY A 92 -16.51 21.31 6.96
C GLY A 92 -16.23 20.79 5.56
N SER A 93 -16.69 21.57 4.57
CA SER A 93 -16.48 21.25 3.16
C SER A 93 -15.41 22.17 2.61
N HIS A 94 -14.31 21.58 2.13
CA HIS A 94 -13.19 22.31 1.58
C HIS A 94 -12.95 21.87 0.15
N THR A 95 -12.12 22.63 -0.56
CA THR A 95 -11.86 22.41 -1.97
C THR A 95 -10.37 22.43 -2.25
N VAL A 96 -9.93 21.54 -3.14
CA VAL A 96 -8.59 21.58 -3.71
C VAL A 96 -8.74 21.75 -5.21
N GLN A 97 -8.01 22.72 -5.76
CA GLN A 97 -8.07 23.03 -7.18
C GLN A 97 -6.66 22.96 -7.75
N ARG A 98 -6.48 22.17 -8.79
CA ARG A 98 -5.20 22.04 -9.47
C ARG A 98 -5.38 22.41 -10.94
N MET A 99 -4.46 23.21 -11.45
CA MET A 99 -4.45 23.59 -12.86
C MET A 99 -3.03 23.44 -13.38
N TYR A 100 -2.84 22.56 -14.36
CA TYR A 100 -1.57 22.48 -15.07
C TYR A 100 -1.83 22.47 -16.57
N GLY A 101 -0.86 22.99 -17.32
CA GLY A 101 -1.00 23.06 -18.75
C GLY A 101 0.26 23.66 -19.36
N CYS A 102 0.29 23.63 -20.68
CA CYS A 102 1.44 24.10 -21.45
C CYS A 102 0.99 25.06 -22.52
N ASP A 103 1.73 26.16 -22.69
CA ASP A 103 1.46 27.11 -23.74
C ASP A 103 2.43 26.89 -24.91
N VAL A 104 1.98 27.25 -26.10
CA VAL A 104 2.77 27.16 -27.32
C VAL A 104 2.68 28.48 -28.07
N GLY A 105 3.32 28.52 -29.24
CA GLY A 105 3.30 29.72 -30.05
C GLY A 105 2.84 29.47 -31.47
N SER A 106 3.16 30.40 -32.38
CA SER A 106 2.80 30.21 -33.78
C SER A 106 3.52 29.01 -34.39
N ASP A 107 4.72 28.70 -33.88
CA ASP A 107 5.45 27.51 -34.31
C ASP A 107 5.01 26.25 -33.58
N TRP A 108 4.04 26.36 -32.67
CA TRP A 108 3.52 25.26 -31.87
C TRP A 108 4.59 24.64 -30.97
N ARG A 109 5.69 25.35 -30.76
CA ARG A 109 6.73 24.91 -29.84
C ARG A 109 6.42 25.44 -28.44
N PHE A 110 7.02 24.78 -27.44
CA PHE A 110 6.75 25.12 -26.06
C PHE A 110 7.04 26.59 -25.79
N LEU A 111 6.14 27.24 -25.06
CA LEU A 111 6.28 28.64 -24.69
C LEU A 111 6.27 28.86 -23.18
N ARG A 112 5.43 28.14 -22.44
CA ARG A 112 5.28 28.37 -21.02
C ARG A 112 4.60 27.17 -20.39
N GLY A 113 4.93 26.92 -19.13
CA GLY A 113 4.36 25.80 -18.41
C GLY A 113 3.74 26.24 -17.11
N TYR A 114 2.61 25.62 -16.76
CA TYR A 114 1.85 25.95 -15.56
C TYR A 114 1.61 24.71 -14.73
N HIS A 115 1.73 24.86 -13.42
CA HIS A 115 1.29 23.83 -12.48
C HIS A 115 1.04 24.52 -11.14
N GLN A 116 -0.22 24.74 -10.81
CA GLN A 116 -0.60 25.48 -9.61
C GLN A 116 -1.59 24.68 -8.79
N TYR A 117 -1.52 24.88 -7.48
CA TYR A 117 -2.44 24.29 -6.52
C TYR A 117 -3.13 25.39 -5.74
N ALA A 118 -4.32 25.06 -5.21
CA ALA A 118 -5.07 25.99 -4.37
C ALA A 118 -5.80 25.20 -3.29
N TYR A 119 -6.05 25.87 -2.18
CA TYR A 119 -6.86 25.33 -1.10
C TYR A 119 -7.84 26.40 -0.65
N ASP A 120 -9.13 26.11 -0.78
CA ASP A 120 -10.20 27.03 -0.41
C ASP A 120 -10.06 28.37 -1.14
N GLY A 121 -9.68 28.30 -2.41
CA GLY A 121 -9.63 29.47 -3.27
C GLY A 121 -8.40 30.33 -3.12
N LYS A 122 -7.43 29.93 -2.29
CA LYS A 122 -6.21 30.69 -2.08
C LYS A 122 -5.03 29.91 -2.64
N ASP A 123 -4.09 30.64 -3.24
CA ASP A 123 -2.91 30.01 -3.83
C ASP A 123 -2.16 29.19 -2.79
N TYR A 124 -1.77 27.98 -3.18
CA TYR A 124 -0.98 27.10 -2.31
C TYR A 124 0.44 26.92 -2.82
N ILE A 125 0.60 26.43 -4.05
CA ILE A 125 1.92 26.22 -4.64
C ILE A 125 1.81 26.44 -6.13
N ALA A 126 2.93 26.78 -6.77
CA ALA A 126 2.93 27.04 -8.19
C ALA A 126 4.32 26.80 -8.75
N LEU A 127 4.37 26.41 -10.02
CA LEU A 127 5.63 26.24 -10.74
C LEU A 127 6.05 27.58 -11.31
N LYS A 128 7.28 27.99 -11.02
CA LYS A 128 7.79 29.26 -11.54
C LYS A 128 8.01 29.16 -13.04
N GLU A 129 8.22 30.32 -13.66
CA GLU A 129 8.37 30.37 -15.12
C GLU A 129 9.60 29.60 -15.58
N ASP A 130 10.63 29.50 -14.74
CA ASP A 130 11.80 28.72 -15.10
C ASP A 130 11.53 27.22 -15.09
N LEU A 131 10.44 26.79 -14.45
CA LEU A 131 10.04 25.38 -14.38
C LEU A 131 11.07 24.53 -13.64
N ARG A 132 11.82 25.13 -12.72
CA ARG A 132 12.76 24.39 -11.91
C ARG A 132 12.52 24.64 -10.42
N SER A 133 11.99 25.82 -10.10
CA SER A 133 11.78 26.24 -8.73
C SER A 133 10.28 26.34 -8.44
N TRP A 134 9.95 26.37 -7.15
CA TRP A 134 8.58 26.41 -6.68
C TRP A 134 8.37 27.66 -5.83
N THR A 135 7.20 28.28 -5.99
CA THR A 135 6.81 29.46 -5.21
C THR A 135 5.74 29.03 -4.21
N ALA A 136 6.19 28.55 -3.04
CA ALA A 136 5.28 28.20 -1.97
C ALA A 136 4.70 29.46 -1.33
N ALA A 137 3.38 29.45 -1.11
CA ALA A 137 2.70 30.64 -0.61
C ALA A 137 2.95 30.86 0.87
N ASP A 138 2.53 29.91 1.70
CA ASP A 138 2.63 30.01 3.15
C ASP A 138 3.58 28.95 3.69
N MET A 139 3.70 28.89 5.01
CA MET A 139 4.57 27.91 5.65
C MET A 139 4.05 26.49 5.49
N ALA A 140 2.75 26.32 5.29
CA ALA A 140 2.22 24.99 5.01
C ALA A 140 2.67 24.49 3.64
N ALA A 141 2.83 25.39 2.67
CA ALA A 141 3.30 25.02 1.35
C ALA A 141 4.80 24.82 1.27
N GLN A 142 5.55 25.22 2.31
CA GLN A 142 6.98 24.92 2.34
C GLN A 142 7.24 23.45 2.60
N THR A 143 6.34 22.79 3.35
CA THR A 143 6.45 21.35 3.53
C THR A 143 6.29 20.63 2.20
N THR A 144 5.36 21.09 1.36
CA THR A 144 5.22 20.52 0.02
C THR A 144 6.44 20.81 -0.83
N LYS A 145 7.02 22.00 -0.67
CA LYS A 145 8.16 22.41 -1.51
C LYS A 145 9.34 21.47 -1.33
N HIS A 146 9.67 21.13 -0.09
CA HIS A 146 10.81 20.26 0.16
C HIS A 146 10.55 18.85 -0.36
N LYS A 147 9.32 18.35 -0.20
CA LYS A 147 8.99 17.03 -0.70
C LYS A 147 9.01 17.00 -2.23
N TRP A 148 8.55 18.08 -2.87
CA TRP A 148 8.54 18.14 -4.32
C TRP A 148 9.89 18.50 -4.92
N GLU A 149 10.81 19.02 -4.11
CA GLU A 149 12.18 19.25 -4.58
C GLU A 149 13.06 18.03 -4.35
N ALA A 150 12.73 17.20 -3.36
CA ALA A 150 13.42 15.93 -3.21
C ALA A 150 13.11 14.99 -4.36
N ALA A 151 11.88 15.02 -4.85
CA ALA A 151 11.42 14.11 -5.90
C ALA A 151 11.68 14.64 -7.30
N HIS A 152 12.25 15.83 -7.43
CA HIS A 152 12.49 16.45 -8.73
C HIS A 152 11.19 16.50 -9.54
N VAL A 153 10.12 16.91 -8.87
CA VAL A 153 8.80 16.97 -9.51
C VAL A 153 8.81 17.99 -10.64
N ALA A 154 9.57 19.09 -10.47
CA ALA A 154 9.66 20.09 -11.52
C ALA A 154 10.27 19.51 -12.79
N GLU A 155 11.33 18.70 -12.64
CA GLU A 155 11.95 18.09 -13.81
C GLU A 155 10.99 17.14 -14.52
N GLN A 156 10.26 16.32 -13.76
CA GLN A 156 9.22 15.50 -14.36
C GLN A 156 8.12 16.36 -14.96
N LEU A 157 7.71 17.41 -14.24
CA LEU A 157 6.71 18.32 -14.77
C LEU A 157 7.23 19.06 -15.99
N ARG A 158 8.50 19.50 -15.95
CA ARG A 158 9.10 20.13 -17.12
C ARG A 158 9.15 19.16 -18.29
N ALA A 159 9.45 17.89 -18.02
CA ALA A 159 9.41 16.88 -19.07
C ALA A 159 8.02 16.74 -19.67
N TYR A 160 6.99 16.74 -18.81
CA TYR A 160 5.62 16.72 -19.33
C TYR A 160 5.29 18.03 -20.05
N LEU A 161 5.55 19.16 -19.40
CA LEU A 161 5.11 20.44 -19.95
C LEU A 161 5.84 20.77 -21.25
N GLU A 162 7.15 20.52 -21.32
CA GLU A 162 7.91 20.77 -22.55
C GLU A 162 7.87 19.61 -23.52
N GLY A 163 7.47 18.43 -23.07
CA GLY A 163 7.47 17.22 -23.87
C GLY A 163 6.08 16.72 -24.21
N THR A 164 5.61 15.77 -23.40
CA THR A 164 4.33 15.10 -23.66
C THR A 164 3.20 16.10 -23.88
N CYS A 165 3.14 17.17 -23.07
CA CYS A 165 2.07 18.15 -23.22
C CYS A 165 2.11 18.81 -24.60
N VAL A 166 3.31 19.18 -25.07
CA VAL A 166 3.40 19.85 -26.36
C VAL A 166 3.05 18.89 -27.49
N GLU A 167 3.54 17.65 -27.42
CA GLU A 167 3.27 16.69 -28.48
C GLU A 167 1.80 16.26 -28.49
N TRP A 168 1.16 16.22 -27.31
CA TRP A 168 -0.26 15.88 -27.27
C TRP A 168 -1.13 17.04 -27.71
N LEU A 169 -0.74 18.27 -27.36
CA LEU A 169 -1.47 19.44 -27.83
C LEU A 169 -1.41 19.55 -29.34
N ARG A 170 -0.24 19.26 -29.93
CA ARG A 170 -0.12 19.26 -31.38
C ARG A 170 -1.00 18.18 -32.00
N ARG A 171 -1.04 17.00 -31.38
CA ARG A 171 -1.94 15.95 -31.86
C ARG A 171 -3.40 16.37 -31.71
N TYR A 172 -3.75 16.98 -30.57
CA TYR A 172 -5.10 17.50 -30.39
C TYR A 172 -5.39 18.61 -31.39
N LEU A 173 -4.44 19.51 -31.61
CA LEU A 173 -4.62 20.59 -32.58
C LEU A 173 -4.75 20.08 -34.00
N GLU A 174 -4.28 18.87 -34.29
CA GLU A 174 -4.44 18.26 -35.60
C GLU A 174 -5.69 17.39 -35.68
N ASN A 175 -5.98 16.65 -34.61
CA ASN A 175 -7.22 15.86 -34.57
C ASN A 175 -8.44 16.79 -34.63
N GLY A 176 -8.41 17.88 -33.88
CA GLY A 176 -9.53 18.81 -33.84
C GLY A 176 -9.22 20.15 -34.48
N LYS A 177 -8.52 20.11 -35.62
CA LYS A 177 -8.17 21.35 -36.30
C LYS A 177 -9.40 22.14 -36.73
N GLU A 178 -10.52 21.44 -36.99
CA GLU A 178 -11.73 22.12 -37.41
C GLU A 178 -12.29 23.02 -36.32
N THR A 179 -12.22 22.58 -35.07
CA THR A 179 -12.79 23.32 -33.94
C THR A 179 -11.74 24.02 -33.11
N LEU A 180 -10.64 23.35 -32.77
CA LEU A 180 -9.63 23.95 -31.90
C LEU A 180 -8.93 25.12 -32.58
N GLN A 181 -8.70 25.02 -33.89
CA GLN A 181 -8.01 26.06 -34.63
C GLN A 181 -8.95 27.06 -35.28
N ARG A 182 -10.25 26.94 -35.06
CA ARG A 182 -11.20 27.89 -35.63
C ARG A 182 -11.10 29.23 -34.91
N THR A 183 -11.62 30.27 -35.56
CA THR A 183 -11.61 31.61 -35.00
C THR A 183 -12.78 32.38 -35.60
N ASP A 184 -13.70 32.82 -34.73
CA ASP A 184 -14.92 33.49 -35.15
C ASP A 184 -14.90 34.95 -34.70
N ALA A 185 -15.16 35.86 -35.64
CA ALA A 185 -15.24 37.27 -35.30
C ALA A 185 -16.53 37.55 -34.55
N PRO A 186 -16.50 38.28 -33.44
CA PRO A 186 -17.73 38.57 -32.69
C PRO A 186 -18.72 39.38 -33.53
N LYS A 187 -20.00 39.07 -33.36
CA LYS A 187 -21.07 39.78 -34.05
C LYS A 187 -21.47 40.99 -33.21
N THR A 188 -20.69 42.05 -33.35
CA THR A 188 -20.90 43.24 -32.55
C THR A 188 -22.12 44.01 -33.03
N HIS A 189 -23.02 44.34 -32.10
CA HIS A 189 -24.18 45.18 -32.40
C HIS A 189 -24.54 45.95 -31.14
N MET A 190 -25.21 47.08 -31.33
CA MET A 190 -25.52 48.00 -30.25
C MET A 190 -27.00 47.99 -29.93
N THR A 191 -27.32 48.36 -28.69
CA THR A 191 -28.70 48.47 -28.21
C THR A 191 -28.85 49.77 -27.43
N HIS A 192 -30.06 50.33 -27.49
CA HIS A 192 -30.35 51.57 -26.79
C HIS A 192 -31.16 51.32 -25.52
N ALA A 200 -29.46 58.06 -20.58
CA ALA A 200 -29.63 56.82 -21.32
C ALA A 200 -28.42 55.90 -21.14
N THR A 201 -28.53 54.67 -21.66
CA THR A 201 -27.46 53.69 -21.58
C THR A 201 -27.18 53.16 -22.98
N LEU A 202 -25.91 53.19 -23.38
CA LEU A 202 -25.48 52.64 -24.66
C LEU A 202 -24.68 51.37 -24.41
N ARG A 203 -25.06 50.29 -25.08
CA ARG A 203 -24.48 48.98 -24.82
C ARG A 203 -24.23 48.26 -26.13
N CYS A 204 -23.02 47.75 -26.30
CA CYS A 204 -22.63 47.00 -27.50
C CYS A 204 -22.50 45.52 -27.16
N TRP A 205 -23.05 44.67 -28.03
CA TRP A 205 -23.15 43.24 -27.79
C TRP A 205 -22.15 42.51 -28.68
N ALA A 206 -21.11 41.95 -28.08
CA ALA A 206 -20.17 41.09 -28.79
C ALA A 206 -20.68 39.66 -28.68
N LEU A 207 -21.10 39.07 -29.80
CA LEU A 207 -21.82 37.81 -29.81
C LEU A 207 -21.06 36.77 -30.64
N SER A 208 -21.00 35.55 -30.11
CA SER A 208 -20.55 34.36 -30.84
C SER A 208 -19.12 34.54 -31.38
N PHE A 209 -18.19 34.65 -30.43
CA PHE A 209 -16.78 34.75 -30.75
C PHE A 209 -16.00 33.63 -30.09
N TYR A 210 -14.92 33.21 -30.73
CA TYR A 210 -14.01 32.20 -30.21
C TYR A 210 -12.62 32.53 -30.75
N PRO A 211 -11.58 32.50 -29.92
CA PRO A 211 -11.56 32.14 -28.49
C PRO A 211 -12.12 33.24 -27.58
N ALA A 212 -12.20 32.96 -26.27
CA ALA A 212 -12.81 33.86 -25.31
C ALA A 212 -12.02 35.14 -25.08
N GLU A 213 -10.79 35.22 -25.57
CA GLU A 213 -9.94 36.39 -25.33
C GLU A 213 -10.46 37.56 -26.16
N ILE A 214 -11.19 38.47 -25.50
CA ILE A 214 -11.77 39.63 -26.17
C ILE A 214 -11.52 40.87 -25.30
N THR A 215 -11.65 42.03 -25.93
CA THR A 215 -11.48 43.31 -25.23
C THR A 215 -12.53 44.29 -25.75
N LEU A 216 -13.24 44.92 -24.83
CA LEU A 216 -14.26 45.91 -25.17
C LEU A 216 -13.98 47.20 -24.41
N THR A 217 -13.99 48.33 -25.12
CA THR A 217 -13.72 49.62 -24.53
C THR A 217 -14.65 50.65 -25.14
N TRP A 218 -14.83 51.76 -24.41
CA TRP A 218 -15.68 52.86 -24.85
C TRP A 218 -14.88 54.15 -24.84
N GLN A 219 -14.93 54.89 -25.94
CA GLN A 219 -14.23 56.16 -26.07
C GLN A 219 -15.15 57.17 -26.74
N ARG A 220 -15.09 58.41 -26.29
CA ARG A 220 -15.92 59.47 -26.86
C ARG A 220 -15.25 60.10 -28.08
N GLN A 227 -13.93 54.47 -19.83
CA GLN A 227 -14.59 55.70 -19.44
C GLN A 227 -15.76 55.44 -18.49
N ASP A 228 -15.44 54.91 -17.31
CA ASP A 228 -16.44 54.56 -16.30
C ASP A 228 -17.49 53.62 -16.87
N THR A 229 -17.04 52.65 -17.67
CA THR A 229 -17.93 51.72 -18.33
C THR A 229 -18.46 50.67 -17.36
N GLU A 230 -19.55 50.04 -17.75
CA GLU A 230 -20.15 48.92 -17.01
C GLU A 230 -20.08 47.69 -17.90
N LEU A 231 -19.07 46.87 -17.68
CA LEU A 231 -18.84 45.67 -18.47
C LEU A 231 -18.92 44.43 -17.59
N VAL A 232 -19.38 43.33 -18.17
CA VAL A 232 -19.49 42.07 -17.46
C VAL A 232 -18.42 41.12 -17.97
N GLU A 233 -18.24 40.01 -17.25
CA GLU A 233 -17.32 38.98 -17.70
C GLU A 233 -17.83 38.34 -18.98
N THR A 234 -16.90 37.86 -19.79
CA THR A 234 -17.28 37.04 -20.93
C THR A 234 -17.91 35.73 -20.43
N ARG A 235 -18.94 35.29 -21.12
CA ARG A 235 -19.73 34.16 -20.64
C ARG A 235 -19.92 33.14 -21.75
N PRO A 236 -20.02 31.86 -21.39
CA PRO A 236 -20.23 30.82 -22.41
C PRO A 236 -21.66 30.84 -22.93
N ALA A 237 -21.80 30.90 -24.25
CA ALA A 237 -23.12 30.85 -24.86
C ALA A 237 -23.70 29.43 -24.84
N GLY A 238 -22.85 28.41 -24.65
CA GLY A 238 -23.28 27.04 -24.59
C GLY A 238 -23.07 26.26 -25.88
N ASP A 239 -22.88 26.96 -27.00
CA ASP A 239 -22.67 26.33 -28.29
C ASP A 239 -21.20 26.32 -28.71
N GLY A 240 -20.28 26.41 -27.75
CA GLY A 240 -18.87 26.49 -28.03
C GLY A 240 -18.35 27.90 -28.22
N THR A 241 -19.21 28.90 -28.25
CA THR A 241 -18.84 30.30 -28.41
C THR A 241 -19.01 31.04 -27.09
N PHE A 242 -18.77 32.34 -27.13
CA PHE A 242 -18.87 33.21 -25.96
C PHE A 242 -19.57 34.50 -26.35
N GLN A 243 -19.90 35.29 -25.34
CA GLN A 243 -20.52 36.59 -25.58
C GLN A 243 -20.18 37.54 -24.44
N LYS A 244 -20.26 38.84 -24.73
CA LYS A 244 -19.90 39.87 -23.78
C LYS A 244 -20.61 41.16 -24.18
N TRP A 245 -20.70 42.07 -23.21
CA TRP A 245 -21.27 43.40 -23.46
C TRP A 245 -20.69 44.39 -22.46
N ALA A 246 -20.68 45.66 -22.85
CA ALA A 246 -20.26 46.76 -22.00
C ALA A 246 -21.22 47.92 -22.19
N ALA A 247 -21.45 48.68 -21.12
CA ALA A 247 -22.39 49.79 -21.14
C ALA A 247 -21.78 51.02 -20.48
N VAL A 248 -22.16 52.18 -20.99
CA VAL A 248 -21.79 53.47 -20.42
C VAL A 248 -23.05 54.33 -20.36
N VAL A 249 -23.30 54.93 -19.19
CA VAL A 249 -24.44 55.83 -19.05
C VAL A 249 -24.13 57.15 -19.74
N VAL A 250 -25.13 57.70 -20.42
CA VAL A 250 -24.94 58.93 -21.19
C VAL A 250 -26.12 59.88 -20.98
N THR A 259 -17.96 55.54 -28.61
CA THR A 259 -17.58 54.52 -29.59
C THR A 259 -17.14 53.24 -28.91
N CYS A 260 -17.75 52.12 -29.30
CA CYS A 260 -17.41 50.82 -28.73
C CYS A 260 -16.34 50.16 -29.60
N HIS A 261 -15.17 49.93 -29.02
CA HIS A 261 -14.05 49.33 -29.71
C HIS A 261 -13.85 47.91 -29.22
N VAL A 262 -13.73 46.96 -30.15
CA VAL A 262 -13.57 45.55 -29.84
C VAL A 262 -12.32 45.02 -30.52
N GLN A 263 -11.54 44.23 -29.79
CA GLN A 263 -10.32 43.62 -30.30
C GLN A 263 -10.42 42.12 -30.12
N HIS A 264 -10.47 41.39 -31.24
CA HIS A 264 -10.55 39.94 -31.20
C HIS A 264 -9.71 39.37 -32.32
N GLU A 265 -9.30 38.10 -32.16
CA GLU A 265 -8.50 37.42 -33.17
C GLU A 265 -9.26 37.23 -34.47
N GLY A 266 -10.59 37.31 -34.45
CA GLY A 266 -11.36 37.19 -35.67
C GLY A 266 -11.38 38.42 -36.55
N LEU A 267 -10.89 39.55 -36.04
CA LEU A 267 -10.82 40.79 -36.79
C LEU A 267 -9.39 41.32 -36.75
N PRO A 268 -8.61 41.12 -37.81
CA PRO A 268 -7.25 41.67 -37.83
C PRO A 268 -7.22 43.18 -37.68
N LYS A 269 -8.22 43.89 -38.24
CA LYS A 269 -8.35 45.32 -38.10
C LYS A 269 -9.33 45.66 -36.97
N PRO A 270 -9.12 46.77 -36.26
CA PRO A 270 -10.03 47.13 -35.18
C PRO A 270 -11.43 47.44 -35.70
N LEU A 271 -12.41 47.11 -34.88
CA LEU A 271 -13.82 47.36 -35.19
C LEU A 271 -14.35 48.43 -34.26
N THR A 272 -14.96 49.48 -34.83
CA THR A 272 -15.51 50.59 -34.07
C THR A 272 -17.02 50.63 -34.26
N LEU A 273 -17.75 50.71 -33.16
CA LEU A 273 -19.19 50.77 -33.20
C LEU A 273 -19.71 52.10 -32.64
N VAL B 2 0.26 -12.71 40.06
CA VAL B 2 -1.07 -12.85 39.48
C VAL B 2 -1.76 -14.09 40.05
N GLN B 3 -3.00 -13.93 40.49
CA GLN B 3 -3.80 -15.02 41.03
C GLN B 3 -5.00 -15.27 40.13
N LEU B 4 -5.21 -16.54 39.77
CA LEU B 4 -6.31 -16.95 38.92
C LEU B 4 -7.21 -17.92 39.69
N GLN B 5 -8.51 -17.67 39.67
CA GLN B 5 -9.48 -18.47 40.39
C GLN B 5 -10.52 -19.01 39.41
N GLU B 6 -10.92 -20.26 39.60
CA GLU B 6 -11.86 -20.94 38.74
C GLU B 6 -13.22 -21.09 39.41
N SER B 7 -14.28 -20.89 38.64
CA SER B 7 -15.64 -21.02 39.11
C SER B 7 -16.58 -21.05 37.92
N GLY B 8 -17.61 -21.89 37.99
CA GLY B 8 -18.62 -21.93 36.95
C GLY B 8 -18.80 -23.28 36.29
N GLY B 9 -18.47 -24.35 37.00
CA GLY B 9 -18.59 -25.71 36.48
C GLY B 9 -19.84 -26.40 37.00
N GLY B 10 -19.70 -27.70 37.29
CA GLY B 10 -20.81 -28.48 37.79
C GLY B 10 -21.07 -29.74 36.99
N LEU B 11 -22.28 -30.28 37.09
CA LEU B 11 -22.67 -31.48 36.37
C LEU B 11 -23.65 -31.12 35.26
N VAL B 12 -23.39 -31.63 34.06
CA VAL B 12 -24.20 -31.35 32.88
C VAL B 12 -24.59 -32.66 32.22
N GLN B 13 -25.73 -32.63 31.52
CA GLN B 13 -26.16 -33.76 30.69
C GLN B 13 -25.45 -33.71 29.34
N PRO B 14 -25.27 -34.86 28.68
CA PRO B 14 -24.63 -34.85 27.36
C PRO B 14 -25.41 -34.01 26.37
N GLY B 15 -24.68 -33.29 25.52
CA GLY B 15 -25.28 -32.38 24.57
C GLY B 15 -25.67 -31.04 25.12
N GLY B 16 -25.38 -30.77 26.39
CA GLY B 16 -25.76 -29.52 27.02
C GLY B 16 -24.75 -28.41 26.75
N SER B 17 -24.75 -27.43 27.64
CA SER B 17 -23.87 -26.28 27.50
C SER B 17 -23.43 -25.81 28.88
N LEU B 18 -22.28 -25.14 28.91
CA LEU B 18 -21.74 -24.59 30.14
C LEU B 18 -20.76 -23.48 29.78
N ARG B 19 -20.53 -22.57 30.72
CA ARG B 19 -19.63 -21.44 30.51
C ARG B 19 -18.77 -21.27 31.76
N LEU B 20 -17.49 -21.64 31.66
CA LEU B 20 -16.57 -21.44 32.77
C LEU B 20 -16.20 -19.97 32.91
N SER B 21 -15.87 -19.59 34.14
CA SER B 21 -15.37 -18.26 34.45
C SER B 21 -14.03 -18.38 35.15
N CYS B 22 -13.18 -17.37 34.98
CA CYS B 22 -11.84 -17.38 35.58
C CYS B 22 -11.45 -15.94 35.87
N ALA B 23 -11.47 -15.56 37.14
CA ALA B 23 -11.15 -14.21 37.55
C ALA B 23 -9.64 -14.06 37.73
N ALA B 24 -9.08 -13.01 37.16
CA ALA B 24 -7.65 -12.72 37.25
C ALA B 24 -7.44 -11.67 38.33
N SER B 25 -6.91 -12.09 39.48
CA SER B 25 -6.64 -11.21 40.60
C SER B 25 -5.18 -10.80 40.59
N GLY B 26 -4.92 -9.50 40.66
CA GLY B 26 -3.57 -8.99 40.61
C GLY B 26 -3.35 -8.04 39.46
N ARG B 27 -2.51 -8.44 38.51
CA ARG B 27 -2.26 -7.63 37.34
C ARG B 27 -3.47 -7.68 36.39
N THR B 28 -3.45 -6.80 35.39
CA THR B 28 -4.51 -6.73 34.40
C THR B 28 -4.12 -7.54 33.19
N ILE B 29 -4.99 -8.46 32.78
CA ILE B 29 -4.70 -9.36 31.65
C ILE B 29 -5.11 -8.62 30.38
N SER B 30 -4.14 -7.95 29.78
CA SER B 30 -4.31 -7.32 28.47
C SER B 30 -3.20 -7.64 27.49
N ARG B 31 -1.97 -7.88 27.95
CA ARG B 31 -0.87 -8.27 27.09
C ARG B 31 -0.55 -9.75 27.15
N TYR B 32 -1.09 -10.46 28.14
CA TYR B 32 -0.82 -11.89 28.32
C TYR B 32 -1.99 -12.71 27.78
N ALA B 33 -1.68 -13.65 26.91
CA ALA B 33 -2.70 -14.55 26.36
C ALA B 33 -3.20 -15.50 27.44
N MET B 34 -4.47 -15.87 27.34
CA MET B 34 -5.11 -16.75 28.29
C MET B 34 -5.31 -18.13 27.67
N SER B 35 -5.29 -19.16 28.52
CA SER B 35 -5.32 -20.53 28.06
C SER B 35 -6.32 -21.34 28.88
N TRP B 36 -6.86 -22.39 28.26
CA TRP B 36 -7.69 -23.38 28.92
C TRP B 36 -7.11 -24.76 28.65
N PHE B 37 -7.21 -25.63 29.66
CA PHE B 37 -6.62 -26.96 29.59
C PHE B 37 -7.60 -27.97 30.17
N ARG B 38 -7.17 -29.23 30.24
CA ARG B 38 -8.02 -30.29 30.78
C ARG B 38 -7.14 -31.43 31.24
N GLN B 39 -7.27 -31.82 32.51
CA GLN B 39 -6.55 -32.96 33.07
C GLN B 39 -7.57 -34.00 33.52
N ALA B 40 -7.68 -35.09 32.78
CA ALA B 40 -8.57 -36.19 33.14
C ALA B 40 -7.96 -37.02 34.25
N PRO B 41 -8.79 -37.70 35.04
CA PRO B 41 -8.26 -38.59 36.08
C PRO B 41 -7.40 -39.69 35.46
N GLY B 42 -6.26 -39.96 36.09
CA GLY B 42 -5.32 -40.92 35.53
C GLY B 42 -4.81 -40.52 34.17
N LYS B 43 -4.64 -39.21 33.94
CA LYS B 43 -4.22 -38.71 32.64
C LYS B 43 -3.45 -37.41 32.84
N GLU B 44 -2.66 -37.05 31.84
CA GLU B 44 -1.89 -35.82 31.87
C GLU B 44 -2.74 -34.66 31.35
N ARG B 45 -2.17 -33.46 31.40
CA ARG B 45 -2.87 -32.27 30.93
C ARG B 45 -3.00 -32.29 29.41
N GLU B 46 -4.09 -31.69 28.92
CA GLU B 46 -4.34 -31.62 27.49
C GLU B 46 -4.77 -30.21 27.14
N PHE B 47 -4.13 -29.63 26.13
CA PHE B 47 -4.49 -28.30 25.67
C PHE B 47 -5.92 -28.30 25.14
N VAL B 48 -6.65 -27.22 25.45
CA VAL B 48 -8.05 -27.13 25.03
C VAL B 48 -8.24 -25.89 24.15
N ALA B 49 -7.96 -24.71 24.71
CA ALA B 49 -8.15 -23.48 23.96
C ALA B 49 -7.22 -22.41 24.49
N VAL B 50 -6.90 -21.43 23.64
CA VAL B 50 -6.06 -20.30 24.01
C VAL B 50 -6.77 -19.03 23.56
N ALA B 51 -6.80 -18.03 24.45
CA ALA B 51 -7.29 -16.70 24.11
C ALA B 51 -6.12 -15.73 24.15
N ARG B 52 -5.92 -15.08 23.01
CA ARG B 52 -4.76 -14.16 22.90
C ARG B 52 -5.26 -12.72 22.92
N ARG B 53 -4.35 -11.74 22.93
CA ARG B 53 -4.70 -10.32 22.96
C ARG B 53 -5.73 -10.00 21.89
N SER B 54 -6.63 -9.06 22.22
CA SER B 54 -7.69 -8.65 21.30
C SER B 54 -7.12 -8.31 19.93
N GLY B 55 -7.54 -9.06 18.91
CA GLY B 55 -7.01 -8.94 17.58
C GLY B 55 -6.03 -10.03 17.18
N ASP B 56 -5.53 -10.80 18.15
CA ASP B 56 -4.59 -11.88 17.88
C ASP B 56 -5.25 -13.24 17.77
N GLY B 57 -6.58 -13.29 17.79
CA GLY B 57 -7.30 -14.52 17.52
C GLY B 57 -7.27 -15.51 18.67
N ALA B 58 -8.05 -16.57 18.51
CA ALA B 58 -8.12 -17.66 19.46
C ALA B 58 -7.90 -18.99 18.74
N PHE B 59 -7.33 -19.95 19.46
CA PHE B 59 -7.02 -21.25 18.90
C PHE B 59 -7.55 -22.34 19.83
N TYR B 60 -7.95 -23.46 19.23
CA TYR B 60 -8.55 -24.56 19.96
C TYR B 60 -7.91 -25.87 19.53
N ALA B 61 -7.89 -26.84 20.44
CA ALA B 61 -7.39 -28.19 20.12
C ALA B 61 -8.36 -28.87 19.16
N ASP B 62 -8.28 -30.19 19.03
CA ASP B 62 -9.12 -30.85 17.98
C ASP B 62 -10.32 -31.53 18.63
N SER B 63 -10.17 -31.91 19.89
CA SER B 63 -11.25 -32.62 20.61
C SER B 63 -12.26 -31.59 21.10
N VAL B 64 -12.00 -30.31 20.86
CA VAL B 64 -12.84 -29.21 21.40
C VAL B 64 -13.14 -28.21 20.29
N GLN B 65 -12.75 -28.49 19.05
CA GLN B 65 -12.98 -27.44 18.01
C GLN B 65 -14.42 -27.55 17.49
N GLY B 66 -14.99 -26.44 16.99
CA GLY B 66 -16.36 -26.43 16.51
C GLY B 66 -17.41 -26.25 17.59
N ARG B 67 -17.26 -26.96 18.72
CA ARG B 67 -18.21 -26.87 19.81
C ARG B 67 -17.80 -25.91 20.90
N PHE B 68 -16.51 -25.56 20.99
CA PHE B 68 -15.99 -24.70 22.04
C PHE B 68 -15.62 -23.34 21.47
N THR B 69 -15.77 -22.30 22.30
CA THR B 69 -15.33 -20.96 21.96
C THR B 69 -14.92 -20.23 23.22
N VAL B 70 -13.77 -19.59 23.18
CA VAL B 70 -13.19 -18.93 24.34
C VAL B 70 -13.28 -17.42 24.16
N SER B 71 -13.67 -16.72 25.23
CA SER B 71 -13.78 -15.28 25.23
C SER B 71 -12.95 -14.70 26.38
N ARG B 72 -12.55 -13.44 26.23
CA ARG B 72 -11.79 -12.75 27.26
C ARG B 72 -12.39 -11.37 27.52
N ASP B 73 -12.23 -10.89 28.74
CA ASP B 73 -12.69 -9.57 29.15
C ASP B 73 -11.54 -8.88 29.90
N ASP B 74 -10.78 -8.06 29.18
CA ASP B 74 -9.64 -7.38 29.81
C ASP B 74 -10.08 -6.45 30.92
N ALA B 75 -11.17 -5.71 30.70
CA ALA B 75 -11.65 -4.78 31.70
C ALA B 75 -12.07 -5.49 32.98
N LYS B 76 -12.76 -6.62 32.85
CA LYS B 76 -13.19 -7.40 34.00
C LYS B 76 -12.17 -8.44 34.44
N ASN B 77 -11.07 -8.59 33.69
CA ASN B 77 -10.02 -9.55 34.01
C ASN B 77 -10.57 -10.97 34.13
N THR B 78 -11.50 -11.32 33.24
CA THR B 78 -12.13 -12.63 33.26
C THR B 78 -12.14 -13.20 31.85
N VAL B 79 -12.10 -14.54 31.77
CA VAL B 79 -12.16 -15.26 30.51
C VAL B 79 -13.31 -16.26 30.58
N TYR B 80 -14.13 -16.28 29.54
CA TYR B 80 -15.30 -17.14 29.47
C TYR B 80 -15.04 -18.25 28.45
N LEU B 81 -15.29 -19.50 28.84
CA LEU B 81 -15.16 -20.66 27.97
C LEU B 81 -16.58 -21.15 27.66
N GLN B 82 -17.13 -20.65 26.54
CA GLN B 82 -18.48 -21.04 26.11
C GLN B 82 -18.41 -22.39 25.41
N MET B 83 -18.24 -23.43 26.23
CA MET B 83 -18.12 -24.79 25.74
C MET B 83 -19.51 -25.42 25.65
N ASN B 84 -19.95 -25.70 24.42
CA ASN B 84 -21.25 -26.25 24.11
C ASN B 84 -21.09 -27.68 23.59
N SER B 85 -22.21 -28.33 23.26
CA SER B 85 -22.23 -29.69 22.72
C SER B 85 -21.42 -30.64 23.59
N LEU B 86 -21.66 -30.62 24.89
CA LEU B 86 -20.88 -31.44 25.82
C LEU B 86 -21.17 -32.91 25.60
N LYS B 87 -20.12 -33.72 25.74
CA LYS B 87 -20.16 -35.17 25.65
C LYS B 87 -19.45 -35.75 26.86
N PRO B 88 -19.74 -37.01 27.20
CA PRO B 88 -19.09 -37.61 28.38
C PRO B 88 -17.57 -37.63 28.31
N GLU B 89 -16.98 -37.58 27.11
CA GLU B 89 -15.54 -37.57 26.99
C GLU B 89 -14.93 -36.31 27.62
N ASP B 90 -15.59 -35.16 27.44
CA ASP B 90 -15.08 -33.89 27.96
C ASP B 90 -15.45 -33.71 29.43
N THR B 91 -15.01 -34.67 30.24
CA THR B 91 -15.29 -34.70 31.67
C THR B 91 -13.96 -34.66 32.42
N ALA B 92 -13.50 -33.46 32.75
CA ALA B 92 -12.24 -33.29 33.47
C ALA B 92 -12.15 -31.84 33.94
N VAL B 93 -11.20 -31.60 34.85
CA VAL B 93 -10.99 -30.27 35.40
C VAL B 93 -10.40 -29.36 34.32
N TYR B 94 -10.96 -28.17 34.17
CA TYR B 94 -10.46 -27.16 33.25
C TYR B 94 -9.64 -26.14 34.01
N TYR B 95 -8.48 -25.77 33.47
CA TYR B 95 -7.54 -24.88 34.12
C TYR B 95 -7.47 -23.53 33.39
N CYS B 96 -6.75 -22.60 34.00
CA CYS B 96 -6.42 -21.32 33.40
C CYS B 96 -4.92 -21.13 33.45
N ALA B 97 -4.32 -20.76 32.33
CA ALA B 97 -2.88 -20.54 32.25
C ALA B 97 -2.62 -19.16 31.66
N ILE B 98 -1.75 -18.40 32.31
CA ILE B 98 -1.35 -17.08 31.84
C ILE B 98 -0.16 -17.25 30.89
N ASP B 99 -0.17 -16.51 29.80
CA ASP B 99 0.96 -16.52 28.86
C ASP B 99 1.81 -15.29 29.14
N SER B 100 2.76 -15.45 30.06
CA SER B 100 3.64 -14.35 30.44
C SER B 100 4.73 -14.18 29.38
N ASP B 101 4.31 -13.99 28.13
CA ASP B 101 5.24 -13.87 27.01
C ASP B 101 4.51 -13.08 25.92
N THR B 102 4.90 -11.82 25.75
CA THR B 102 4.28 -10.97 24.73
C THR B 102 4.41 -11.57 23.34
N PHE B 103 5.47 -12.33 23.09
CA PHE B 103 5.75 -12.90 21.78
C PHE B 103 5.03 -14.23 21.55
N TYR B 104 4.21 -14.68 22.50
CA TYR B 104 3.36 -15.87 22.35
C TYR B 104 4.20 -17.14 22.25
N SER B 105 5.18 -17.29 23.15
CA SER B 105 6.07 -18.44 23.15
C SER B 105 5.55 -19.57 24.05
N GLY B 106 4.31 -19.47 24.49
CA GLY B 106 3.74 -20.49 25.36
C GLY B 106 4.40 -20.56 26.72
N SER B 107 4.62 -19.40 27.34
CA SER B 107 5.25 -19.31 28.66
C SER B 107 4.14 -19.24 29.71
N TYR B 108 3.75 -20.42 30.20
CA TYR B 108 2.67 -20.54 31.18
C TYR B 108 3.28 -20.63 32.56
N ASP B 109 3.22 -19.53 33.32
CA ASP B 109 3.82 -19.47 34.65
C ASP B 109 2.80 -19.60 35.77
N TYR B 110 1.71 -18.82 35.72
CA TYR B 110 0.69 -18.84 36.77
C TYR B 110 -0.51 -19.66 36.29
N TRP B 111 -1.01 -20.52 37.18
CA TRP B 111 -2.07 -21.46 36.84
C TRP B 111 -3.21 -21.34 37.84
N GLY B 112 -4.43 -21.56 37.35
CA GLY B 112 -5.60 -21.54 38.18
C GLY B 112 -5.80 -22.83 38.96
N GLN B 113 -6.79 -22.81 39.85
CA GLN B 113 -7.07 -23.97 40.67
C GLN B 113 -7.81 -25.05 39.91
N GLY B 114 -8.66 -24.67 38.95
CA GLY B 114 -9.41 -25.64 38.17
C GLY B 114 -10.76 -26.01 38.75
N THR B 115 -11.78 -26.08 37.91
CA THR B 115 -13.12 -26.44 38.32
C THR B 115 -13.59 -27.63 37.49
N GLN B 116 -14.02 -28.69 38.16
CA GLN B 116 -14.38 -29.92 37.49
C GLN B 116 -15.65 -29.73 36.66
N VAL B 117 -15.65 -30.32 35.47
CA VAL B 117 -16.77 -30.22 34.52
C VAL B 117 -17.21 -31.64 34.21
N THR B 118 -18.24 -32.11 34.91
CA THR B 118 -18.70 -33.48 34.79
C THR B 118 -19.90 -33.54 33.83
N VAL B 119 -19.84 -34.48 32.89
CA VAL B 119 -20.91 -34.69 31.92
C VAL B 119 -21.50 -36.07 32.15
N SER B 120 -22.80 -36.13 32.41
CA SER B 120 -23.48 -37.40 32.67
C SER B 120 -24.99 -37.26 32.45
N SER C 1 -3.10 14.94 -23.52
CA SER C 1 -3.34 13.86 -22.56
C SER C 1 -3.00 14.32 -21.16
N LEU C 2 -3.57 13.63 -20.17
CA LEU C 2 -3.37 13.99 -18.78
C LEU C 2 -1.94 13.70 -18.35
N LEU C 3 -1.52 14.37 -17.28
CA LEU C 3 -0.19 14.14 -16.72
C LEU C 3 -0.12 12.74 -16.13
N GLN C 4 0.77 11.91 -16.67
CA GLN C 4 0.83 10.51 -16.26
C GLN C 4 1.32 10.37 -14.83
N HIS C 5 2.35 11.13 -14.45
CA HIS C 5 3.03 10.95 -13.17
C HIS C 5 2.64 12.08 -12.23
N LEU C 6 2.00 11.73 -11.12
CA LEU C 6 1.52 12.67 -10.13
C LEU C 6 2.26 12.45 -8.82
N ILE C 7 2.00 13.33 -7.85
CA ILE C 7 2.59 13.22 -6.53
C ILE C 7 1.68 13.95 -5.54
N GLY C 8 1.63 13.43 -4.32
CA GLY C 8 0.81 14.04 -3.30
C GLY C 8 1.40 15.32 -2.74
N LEU C 9 0.52 16.16 -2.22
CA LEU C 9 0.90 17.45 -1.64
C LEU C 9 1.76 17.25 -0.39
N VAL D 2 5.32 -4.49 -17.58
CA VAL D 2 6.68 -4.77 -18.01
C VAL D 2 7.28 -5.88 -17.18
N GLN D 3 8.47 -6.32 -17.55
CA GLN D 3 9.21 -7.36 -16.83
C GLN D 3 10.56 -6.79 -16.43
N LEU D 4 10.90 -6.92 -15.14
CA LEU D 4 12.13 -6.40 -14.58
C LEU D 4 13.00 -7.57 -14.11
N GLN D 5 14.28 -7.54 -14.49
CA GLN D 5 15.19 -8.63 -14.15
C GLN D 5 16.52 -8.06 -13.68
N GLU D 6 16.95 -8.48 -12.49
CA GLU D 6 18.25 -8.08 -11.96
C GLU D 6 19.35 -8.91 -12.61
N SER D 7 20.49 -8.28 -12.88
CA SER D 7 21.60 -8.93 -13.55
C SER D 7 22.91 -8.58 -12.84
N GLY D 8 22.91 -8.70 -11.51
CA GLY D 8 24.08 -8.35 -10.74
C GLY D 8 24.71 -9.54 -10.03
N PRO D 9 26.01 -9.47 -9.78
CA PRO D 9 26.68 -10.55 -9.04
C PRO D 9 26.10 -10.71 -7.64
N GLY D 10 25.97 -11.95 -7.20
CA GLY D 10 25.45 -12.25 -5.89
C GLY D 10 26.46 -12.32 -4.78
N LEU D 11 27.74 -12.15 -5.07
CA LEU D 11 28.80 -12.24 -4.07
C LEU D 11 29.67 -10.99 -4.17
N VAL D 12 29.54 -10.10 -3.18
CA VAL D 12 30.31 -8.88 -3.10
C VAL D 12 31.17 -8.95 -1.85
N LYS D 13 32.47 -8.74 -2.01
CA LYS D 13 33.38 -8.80 -0.87
C LYS D 13 33.11 -7.63 0.08
N PRO D 14 33.31 -7.83 1.37
CA PRO D 14 33.10 -6.74 2.33
C PRO D 14 34.02 -5.56 2.05
N SER D 15 33.51 -4.36 2.31
CA SER D 15 34.22 -3.11 2.05
C SER D 15 34.58 -2.97 0.58
N GLU D 16 33.73 -3.46 -0.31
CA GLU D 16 33.92 -3.35 -1.74
C GLU D 16 32.64 -2.80 -2.38
N THR D 17 32.73 -2.45 -3.65
CA THR D 17 31.62 -1.82 -4.34
C THR D 17 30.63 -2.88 -4.83
N LEU D 18 29.36 -2.70 -4.45
CA LEU D 18 28.30 -3.62 -4.82
C LEU D 18 27.61 -3.10 -6.09
N SER D 19 27.83 -3.79 -7.20
CA SER D 19 27.28 -3.37 -8.48
C SER D 19 26.15 -4.32 -8.87
N LEU D 20 24.96 -3.75 -9.07
CA LEU D 20 23.79 -4.50 -9.51
C LEU D 20 23.17 -3.80 -10.71
N THR D 21 22.74 -4.58 -11.69
CA THR D 21 22.07 -4.06 -12.87
C THR D 21 20.70 -4.70 -12.99
N CYS D 22 19.69 -3.89 -13.27
CA CYS D 22 18.31 -4.36 -13.42
C CYS D 22 17.86 -4.06 -14.84
N THR D 23 17.72 -5.10 -15.65
CA THR D 23 17.25 -4.93 -17.02
C THR D 23 15.74 -4.82 -17.06
N VAL D 24 15.23 -3.98 -17.96
CA VAL D 24 13.81 -3.77 -18.15
C VAL D 24 13.42 -4.40 -19.47
N SER D 25 12.51 -5.36 -19.43
CA SER D 25 12.01 -6.04 -20.62
C SER D 25 10.50 -5.82 -20.73
N GLY D 26 10.02 -5.80 -21.98
CA GLY D 26 8.62 -5.53 -22.24
C GLY D 26 8.25 -4.07 -22.34
N GLY D 27 9.20 -3.16 -22.13
CA GLY D 27 8.93 -1.74 -22.23
C GLY D 27 10.19 -0.90 -22.32
N SER D 28 10.21 0.23 -21.64
CA SER D 28 11.34 1.13 -21.63
C SER D 28 11.47 1.77 -20.26
N ILE D 29 12.62 2.40 -20.02
CA ILE D 29 12.81 3.15 -18.79
C ILE D 29 11.82 4.30 -18.70
N SER D 30 11.69 5.05 -19.79
CA SER D 30 10.66 6.08 -19.98
C SER D 30 10.78 7.12 -18.85
N THR D 31 9.66 7.71 -18.46
CA THR D 31 9.61 8.73 -17.42
C THR D 31 9.31 8.15 -16.04
N TYR D 32 9.25 6.83 -15.92
CA TYR D 32 8.98 6.21 -14.64
C TYR D 32 10.14 6.42 -13.69
N TYR D 33 9.86 6.31 -12.40
CA TYR D 33 10.89 6.34 -11.37
C TYR D 33 11.25 4.92 -11.01
N TRP D 34 12.52 4.57 -11.15
CA TRP D 34 12.99 3.19 -11.03
C TRP D 34 13.74 3.05 -9.71
N SER D 35 13.13 2.37 -8.76
CA SER D 35 13.61 2.33 -7.39
C SER D 35 14.40 1.06 -7.10
N TRP D 36 15.23 1.15 -6.08
CA TRP D 36 15.94 -0.01 -5.52
C TRP D 36 15.41 -0.23 -4.12
N ILE D 37 14.90 -1.43 -3.86
CA ILE D 37 14.39 -1.81 -2.56
C ILE D 37 15.10 -3.09 -2.14
N ARG D 38 15.62 -3.12 -0.93
CA ARG D 38 16.27 -4.30 -0.39
C ARG D 38 15.44 -4.83 0.77
N GLN D 39 15.19 -6.14 0.76
CA GLN D 39 14.53 -6.82 1.87
C GLN D 39 15.52 -7.82 2.45
N PRO D 40 16.20 -7.50 3.55
CA PRO D 40 17.12 -8.46 4.14
C PRO D 40 16.37 -9.70 4.59
N PRO D 41 17.01 -10.86 4.56
CA PRO D 41 16.33 -12.10 4.94
C PRO D 41 15.82 -12.05 6.38
N GLY D 42 14.50 -12.11 6.53
CA GLY D 42 13.86 -12.12 7.82
C GLY D 42 13.28 -10.80 8.27
N LYS D 43 13.68 -9.69 7.65
CA LYS D 43 13.21 -8.37 8.04
C LYS D 43 12.41 -7.75 6.88
N GLY D 44 11.87 -6.56 7.14
CA GLY D 44 11.02 -5.88 6.19
C GLY D 44 11.80 -5.18 5.11
N LEU D 45 11.05 -4.52 4.23
CA LEU D 45 11.63 -3.87 3.07
C LEU D 45 12.21 -2.51 3.43
N GLU D 46 13.36 -2.19 2.85
CA GLU D 46 13.97 -0.87 2.95
C GLU D 46 14.17 -0.29 1.57
N TRP D 47 13.85 0.99 1.43
CA TRP D 47 13.91 1.67 0.14
C TRP D 47 15.26 2.39 0.03
N ILE D 48 16.00 2.07 -1.03
CA ILE D 48 17.33 2.65 -1.25
C ILE D 48 17.23 3.99 -1.95
N GLY D 49 16.45 4.06 -3.01
CA GLY D 49 16.32 5.26 -3.80
C GLY D 49 15.90 4.94 -5.20
N TYR D 50 15.42 5.96 -5.91
CA TYR D 50 14.99 5.81 -7.28
C TYR D 50 15.77 6.75 -8.18
N ILE D 51 15.84 6.39 -9.45
CA ILE D 51 16.57 7.14 -10.46
C ILE D 51 15.58 7.58 -11.53
N TYR D 52 15.75 8.82 -11.99
CA TYR D 52 15.04 9.32 -13.15
C TYR D 52 15.92 9.18 -14.38
N TYR D 53 15.30 9.09 -15.55
CA TYR D 53 16.07 8.84 -16.77
C TYR D 53 17.12 9.91 -17.04
N SER D 54 16.93 11.11 -16.51
CA SER D 54 17.90 12.18 -16.66
C SER D 54 19.05 12.10 -15.68
N GLY D 55 19.08 11.08 -14.82
CA GLY D 55 20.11 10.93 -13.83
C GLY D 55 19.83 11.56 -12.49
N SER D 56 18.70 12.26 -12.35
CA SER D 56 18.32 12.85 -11.08
C SER D 56 17.75 11.76 -10.18
N THR D 57 18.37 11.54 -9.03
CA THR D 57 18.01 10.45 -8.15
C THR D 57 17.72 10.97 -6.75
N ASN D 58 16.80 10.30 -6.06
CA ASN D 58 16.41 10.64 -4.71
C ASN D 58 16.86 9.49 -3.80
N TYR D 59 17.91 9.73 -3.03
CA TYR D 59 18.49 8.70 -2.18
C TYR D 59 17.76 8.62 -0.84
N ASN D 60 17.88 7.48 -0.20
CA ASN D 60 17.50 7.35 1.19
C ASN D 60 18.59 7.97 2.05
N PRO D 61 18.29 8.97 2.87
CA PRO D 61 19.35 9.65 3.62
C PRO D 61 20.13 8.75 4.56
N SER D 62 19.60 7.58 4.93
CA SER D 62 20.32 6.68 5.81
C SER D 62 21.57 6.13 5.14
N LEU D 63 21.57 5.99 3.81
CA LEU D 63 22.74 5.52 3.07
C LEU D 63 22.95 6.37 1.83
N LYS D 64 22.74 7.68 1.95
CA LYS D 64 22.90 8.59 0.82
C LYS D 64 24.36 8.70 0.41
N SER D 65 25.29 8.71 1.39
CA SER D 65 26.69 8.88 1.09
C SER D 65 27.34 7.64 0.48
N ARG D 66 26.72 6.48 0.63
CA ARG D 66 27.29 5.22 0.16
C ARG D 66 26.69 4.74 -1.15
N VAL D 67 25.46 5.11 -1.44
CA VAL D 67 24.72 4.58 -2.59
C VAL D 67 24.97 5.45 -3.80
N THR D 68 25.29 4.82 -4.93
CA THR D 68 25.30 5.47 -6.24
C THR D 68 24.39 4.67 -7.15
N ILE D 69 23.32 5.30 -7.62
CA ILE D 69 22.36 4.67 -8.51
C ILE D 69 22.49 5.34 -9.88
N SER D 70 22.66 4.53 -10.92
CA SER D 70 22.85 5.02 -12.27
C SER D 70 21.78 4.45 -13.20
N VAL D 71 21.61 5.10 -14.34
CA VAL D 71 20.64 4.69 -15.34
C VAL D 71 21.34 4.62 -16.69
N ASP D 72 21.03 3.58 -17.45
CA ASP D 72 21.62 3.33 -18.77
C ASP D 72 20.52 3.17 -19.81
N THR D 73 19.62 4.15 -19.85
CA THR D 73 18.42 4.14 -20.69
C THR D 73 18.67 3.64 -22.11
N SER D 74 19.89 3.81 -22.61
CA SER D 74 20.24 3.26 -23.92
C SER D 74 20.05 1.74 -23.95
N LYS D 75 20.43 1.06 -22.87
CA LYS D 75 20.27 -0.39 -22.77
C LYS D 75 19.08 -0.78 -21.89
N ASN D 76 18.23 0.18 -21.52
CA ASN D 76 17.02 -0.06 -20.72
C ASN D 76 17.35 -0.78 -19.42
N GLN D 77 18.44 -0.37 -18.78
CA GLN D 77 18.83 -0.92 -17.49
C GLN D 77 19.32 0.19 -16.58
N PHE D 78 18.88 0.17 -15.33
CA PHE D 78 19.37 1.08 -14.31
C PHE D 78 20.13 0.29 -13.27
N SER D 79 21.22 0.86 -12.79
CA SER D 79 22.18 0.15 -11.95
C SER D 79 22.22 0.74 -10.55
N LEU D 80 22.66 -0.08 -9.60
CA LEU D 80 22.92 0.34 -8.24
C LEU D 80 24.38 0.06 -7.93
N LYS D 81 25.08 1.05 -7.38
CA LYS D 81 26.50 0.92 -7.04
C LYS D 81 26.70 1.33 -5.59
N LEU D 82 26.49 0.38 -4.68
CA LEU D 82 26.82 0.59 -3.28
C LEU D 82 28.33 0.57 -3.10
N SER D 83 28.82 1.29 -2.10
CA SER D 83 30.26 1.41 -1.85
C SER D 83 30.55 1.12 -0.39
N SER D 84 31.76 0.60 -0.15
CA SER D 84 32.21 0.21 1.19
C SER D 84 31.17 -0.69 1.87
N VAL D 85 30.77 -1.73 1.14
CA VAL D 85 29.65 -2.55 1.56
C VAL D 85 30.07 -3.43 2.74
N THR D 86 29.29 -3.37 3.81
CA THR D 86 29.50 -4.21 4.98
C THR D 86 28.47 -5.33 4.98
N ALA D 87 28.43 -6.11 6.06
CA ALA D 87 27.49 -7.22 6.16
C ALA D 87 26.04 -6.75 6.25
N ALA D 88 25.81 -5.51 6.65
CA ALA D 88 24.45 -4.98 6.76
C ALA D 88 23.79 -4.79 5.40
N ASP D 89 24.54 -4.86 4.31
CA ASP D 89 23.99 -4.68 2.97
C ASP D 89 23.57 -6.00 2.34
N MET D 90 23.77 -7.12 3.01
CA MET D 90 23.33 -8.42 2.51
C MET D 90 21.81 -8.46 2.53
N ALA D 91 21.19 -8.46 1.35
CA ALA D 91 19.74 -8.40 1.24
C ALA D 91 19.33 -8.87 -0.15
N VAL D 92 18.03 -9.11 -0.30
CA VAL D 92 17.43 -9.36 -1.61
C VAL D 92 17.10 -8.01 -2.21
N TYR D 93 17.79 -7.64 -3.28
CA TYR D 93 17.65 -6.32 -3.89
C TYR D 93 16.62 -6.41 -4.99
N TYR D 94 15.42 -5.91 -4.73
CA TYR D 94 14.38 -5.79 -5.74
C TYR D 94 14.52 -4.46 -6.46
N CYS D 95 14.40 -4.50 -7.78
CA CYS D 95 14.27 -3.30 -8.58
C CYS D 95 12.82 -3.17 -9.00
N ALA D 96 12.23 -2.01 -8.74
CA ALA D 96 10.80 -1.84 -8.91
C ALA D 96 10.49 -0.56 -9.67
N ARG D 97 9.25 -0.50 -10.17
CA ARG D 97 8.71 0.69 -10.80
C ARG D 97 7.75 1.36 -9.82
N ILE D 98 7.89 2.66 -9.66
CA ILE D 98 7.04 3.42 -8.75
C ILE D 98 5.69 3.66 -9.40
N THR D 99 4.64 3.60 -8.58
CA THR D 99 3.28 3.83 -9.05
C THR D 99 3.14 5.26 -9.58
N GLU D 100 2.28 5.43 -10.58
CA GLU D 100 2.16 6.69 -11.31
C GLU D 100 1.77 7.87 -10.43
N ILE D 101 1.36 7.65 -9.19
CA ILE D 101 1.13 8.75 -8.26
C ILE D 101 2.19 8.80 -7.17
N HIS D 102 3.35 8.18 -7.42
CA HIS D 102 4.55 8.35 -6.61
C HIS D 102 4.32 7.94 -5.16
N ASP D 103 3.50 6.92 -4.96
CA ASP D 103 3.18 6.47 -3.61
C ASP D 103 3.46 5.01 -3.35
N ALA D 104 3.60 4.18 -4.37
CA ALA D 104 3.79 2.75 -4.18
C ALA D 104 4.70 2.23 -5.28
N PHE D 105 4.96 0.92 -5.24
CA PHE D 105 5.79 0.24 -6.23
C PHE D 105 4.93 -0.82 -6.91
N GLU D 106 4.59 -0.56 -8.18
CA GLU D 106 3.63 -1.42 -8.87
C GLU D 106 4.30 -2.66 -9.45
N ILE D 107 5.27 -2.47 -10.33
CA ILE D 107 5.96 -3.57 -10.99
C ILE D 107 7.26 -3.83 -10.25
N TRP D 108 7.51 -5.11 -9.93
CA TRP D 108 8.70 -5.50 -9.20
C TRP D 108 9.53 -6.47 -10.03
N GLY D 109 10.83 -6.46 -9.78
CA GLY D 109 11.70 -7.47 -10.34
C GLY D 109 11.66 -8.75 -9.55
N GLN D 110 12.25 -9.80 -10.13
CA GLN D 110 12.27 -11.10 -9.45
C GLN D 110 13.10 -11.05 -8.17
N GLY D 111 14.05 -10.14 -8.08
CA GLY D 111 14.91 -10.03 -6.92
C GLY D 111 16.19 -10.81 -7.08
N THR D 112 17.26 -10.27 -6.49
CA THR D 112 18.57 -10.92 -6.51
C THR D 112 19.13 -10.92 -5.10
N MET D 113 19.64 -12.07 -4.66
CA MET D 113 20.23 -12.19 -3.33
C MET D 113 21.71 -11.89 -3.43
N VAL D 114 22.13 -10.80 -2.78
CA VAL D 114 23.53 -10.39 -2.76
C VAL D 114 24.11 -10.77 -1.41
N THR D 115 25.17 -11.58 -1.43
CA THR D 115 25.82 -12.06 -0.22
C THR D 115 27.13 -11.32 -0.03
N VAL D 116 27.33 -10.75 1.15
CA VAL D 116 28.54 -10.00 1.48
C VAL D 116 29.39 -10.89 2.35
N SER D 117 30.42 -11.51 1.78
CA SER D 117 31.28 -12.41 2.52
C SER D 117 32.61 -12.54 1.79
N SER D 118 33.70 -12.45 2.56
CA SER D 118 35.04 -12.66 2.01
C SER D 118 35.48 -14.11 2.22
N ALA D 119 34.67 -15.02 1.68
CA ALA D 119 34.91 -16.45 1.81
C ALA D 119 34.94 -17.09 0.43
N SER D 120 35.92 -17.97 0.22
CA SER D 120 36.06 -18.66 -1.05
C SER D 120 35.10 -19.85 -1.13
N THR D 121 34.94 -20.38 -2.33
CA THR D 121 34.04 -21.51 -2.54
C THR D 121 34.53 -22.73 -1.79
N LYS D 122 33.65 -23.32 -0.97
CA LYS D 122 34.00 -24.44 -0.12
C LYS D 122 33.01 -25.58 -0.36
N GLY D 123 33.49 -26.81 -0.17
CA GLY D 123 32.68 -27.97 -0.35
C GLY D 123 31.88 -28.31 0.89
N PRO D 124 30.65 -28.78 0.70
CA PRO D 124 29.80 -29.13 1.85
C PRO D 124 30.28 -30.41 2.52
N SER D 125 30.52 -30.32 3.82
CA SER D 125 30.88 -31.48 4.63
C SER D 125 29.60 -32.00 5.27
N VAL D 126 29.16 -33.18 4.83
CA VAL D 126 27.89 -33.75 5.26
C VAL D 126 28.12 -34.67 6.46
N PHE D 127 27.35 -34.45 7.52
CA PHE D 127 27.44 -35.25 8.72
C PHE D 127 26.08 -35.86 9.03
N PRO D 128 26.01 -37.15 9.37
CA PRO D 128 24.71 -37.77 9.64
C PRO D 128 24.11 -37.28 10.94
N LEU D 129 22.78 -37.32 11.00
CA LEU D 129 22.01 -37.06 12.22
C LEU D 129 21.29 -38.37 12.58
N ALA D 130 21.98 -39.23 13.31
CA ALA D 130 21.43 -40.53 13.65
C ALA D 130 20.28 -40.39 14.65
N PRO D 131 19.28 -41.28 14.60
CA PRO D 131 18.17 -41.30 15.55
C PRO D 131 18.63 -41.44 17.00
N ALA D 141 11.68 -43.12 14.06
CA ALA D 141 11.76 -41.81 14.70
C ALA D 141 12.07 -40.73 13.67
N ALA D 142 13.08 -39.92 13.96
CA ALA D 142 13.53 -38.87 13.05
C ALA D 142 15.03 -39.00 12.85
N LEU D 143 15.46 -38.95 11.59
CA LEU D 143 16.87 -38.99 11.25
C LEU D 143 17.13 -38.00 10.12
N GLY D 144 18.40 -37.63 9.97
CA GLY D 144 18.76 -36.69 8.94
C GLY D 144 20.26 -36.62 8.76
N CYS D 145 20.69 -35.56 8.06
CA CYS D 145 22.11 -35.28 7.91
C CYS D 145 22.31 -33.78 7.82
N LEU D 146 23.41 -33.31 8.40
CA LEU D 146 23.71 -31.88 8.49
C LEU D 146 24.72 -31.50 7.42
N VAL D 147 24.38 -30.52 6.60
CA VAL D 147 25.24 -30.01 5.54
C VAL D 147 25.90 -28.75 6.08
N LYS D 148 27.14 -28.88 6.53
CA LYS D 148 27.82 -27.84 7.30
C LYS D 148 29.01 -27.27 6.53
N ASP D 149 29.17 -25.94 6.64
CA ASP D 149 30.36 -25.24 6.15
C ASP D 149 30.54 -25.39 4.65
N TYR D 150 29.57 -24.87 3.90
CA TYR D 150 29.65 -24.82 2.45
C TYR D 150 29.46 -23.38 1.99
N PHE D 151 30.10 -23.05 0.87
CA PHE D 151 29.98 -21.73 0.27
C PHE D 151 30.17 -21.88 -1.23
N PRO D 152 29.30 -21.26 -2.04
CA PRO D 152 28.12 -20.49 -1.67
C PRO D 152 26.86 -21.36 -1.66
N GLU D 153 25.69 -20.74 -1.55
CA GLU D 153 24.44 -21.46 -1.64
C GLU D 153 24.14 -21.86 -3.09
N PRO D 154 23.28 -22.86 -3.29
CA PRO D 154 22.65 -23.75 -2.30
C PRO D 154 23.17 -25.18 -2.37
N VAL D 155 22.68 -26.05 -1.48
CA VAL D 155 22.90 -27.49 -1.56
C VAL D 155 21.53 -28.15 -1.59
N THR D 156 21.34 -29.09 -2.51
CA THR D 156 20.09 -29.81 -2.67
C THR D 156 20.22 -31.16 -1.98
N VAL D 157 19.35 -31.40 -1.00
CA VAL D 157 19.36 -32.64 -0.22
C VAL D 157 18.15 -33.47 -0.61
N SER D 158 18.41 -34.69 -1.05
CA SER D 158 17.37 -35.64 -1.41
C SER D 158 17.62 -36.95 -0.68
N TRP D 159 16.56 -37.68 -0.40
CA TRP D 159 16.65 -38.93 0.34
C TRP D 159 16.31 -40.09 -0.58
N ASN D 160 17.21 -41.08 -0.62
CA ASN D 160 17.05 -42.27 -1.47
C ASN D 160 16.72 -41.87 -2.90
N SER D 161 17.64 -41.13 -3.51
CA SER D 161 17.50 -40.64 -4.88
C SER D 161 16.25 -39.77 -5.03
N GLY D 162 15.16 -40.36 -5.51
CA GLY D 162 13.93 -39.62 -5.72
C GLY D 162 12.81 -40.05 -4.80
N ALA D 163 13.03 -41.13 -4.04
CA ALA D 163 12.02 -41.66 -3.14
C ALA D 163 12.01 -40.84 -1.85
N LEU D 164 11.29 -41.33 -0.84
CA LEU D 164 11.22 -40.71 0.48
C LEU D 164 10.85 -39.23 0.39
N THR D 165 9.64 -38.99 -0.11
CA THR D 165 9.10 -37.64 -0.21
C THR D 165 8.15 -37.30 0.93
N SER D 166 7.95 -38.22 1.88
CA SER D 166 7.05 -38.01 3.00
C SER D 166 7.85 -37.85 4.28
N GLY D 167 7.56 -36.78 5.02
CA GLY D 167 8.26 -36.49 6.27
C GLY D 167 9.57 -35.77 6.11
N VAL D 168 9.96 -35.39 4.88
CA VAL D 168 11.23 -34.73 4.65
C VAL D 168 11.09 -33.26 4.98
N HIS D 169 11.98 -32.76 5.83
CA HIS D 169 12.00 -31.35 6.22
C HIS D 169 13.42 -30.82 6.02
N THR D 170 13.62 -30.10 4.92
CA THR D 170 14.90 -29.47 4.62
C THR D 170 14.81 -28.00 5.04
N PHE D 171 15.51 -27.65 6.11
CA PHE D 171 15.43 -26.32 6.69
C PHE D 171 16.30 -25.34 5.91
N PRO D 172 15.94 -24.05 5.93
CA PRO D 172 16.77 -23.05 5.25
C PRO D 172 18.13 -22.93 5.91
N ALA D 173 19.13 -22.60 5.10
CA ALA D 173 20.50 -22.53 5.58
C ALA D 173 20.72 -21.27 6.40
N VAL D 174 21.63 -21.37 7.37
CA VAL D 174 22.00 -20.25 8.22
C VAL D 174 23.41 -19.82 7.89
N LEU D 175 23.70 -18.55 8.13
CA LEU D 175 25.03 -17.98 7.90
C LEU D 175 25.78 -17.97 9.22
N GLN D 176 26.88 -18.72 9.29
CA GLN D 176 27.62 -18.88 10.52
C GLN D 176 28.47 -17.64 10.82
N SER D 177 29.26 -17.72 11.87
CA SER D 177 30.17 -16.62 12.20
C SER D 177 31.37 -16.56 11.25
N SER D 178 31.67 -17.66 10.56
CA SER D 178 32.80 -17.72 9.65
C SER D 178 32.42 -17.39 8.21
N GLY D 179 31.16 -17.04 7.95
CA GLY D 179 30.72 -16.73 6.61
C GLY D 179 30.32 -17.92 5.76
N LEU D 180 30.37 -19.13 6.31
CA LEU D 180 30.02 -20.34 5.59
C LEU D 180 28.61 -20.80 5.97
N TYR D 181 27.82 -21.17 4.98
CA TYR D 181 26.43 -21.54 5.20
C TYR D 181 26.34 -22.93 5.83
N SER D 182 25.13 -23.27 6.28
CA SER D 182 24.86 -24.58 6.86
C SER D 182 23.36 -24.82 6.97
N LEU D 183 22.89 -25.98 6.51
CA LEU D 183 21.48 -26.34 6.65
C LEU D 183 21.38 -27.79 7.10
N SER D 184 20.20 -28.16 7.59
CA SER D 184 19.92 -29.51 8.06
CA SER D 184 19.92 -29.51 8.06
C SER D 184 18.67 -30.04 7.39
N SER D 185 18.70 -31.31 7.01
CA SER D 185 17.57 -32.00 6.42
C SER D 185 17.23 -33.20 7.28
N VAL D 186 15.96 -33.32 7.65
CA VAL D 186 15.50 -34.37 8.56
C VAL D 186 14.29 -35.06 7.95
N VAL D 187 14.24 -36.38 8.07
CA VAL D 187 13.09 -37.17 7.65
C VAL D 187 12.46 -37.79 8.89
N THR D 188 11.19 -38.16 8.76
CA THR D 188 10.41 -38.65 9.89
C THR D 188 9.82 -40.02 9.59
N VAL D 189 10.65 -40.94 9.11
CA VAL D 189 10.24 -42.29 8.75
C VAL D 189 9.77 -43.05 9.98
N PRO D 190 8.88 -44.03 9.84
CA PRO D 190 8.45 -44.81 11.01
C PRO D 190 9.59 -45.62 11.60
N SER D 191 9.50 -45.86 12.91
CA SER D 191 10.54 -46.56 13.64
C SER D 191 10.59 -48.06 13.31
N SER D 192 9.60 -48.57 12.59
CA SER D 192 9.56 -50.00 12.25
C SER D 192 10.46 -50.35 11.07
N SER D 193 10.95 -49.36 10.32
CA SER D 193 11.77 -49.59 9.14
C SER D 193 13.20 -49.09 9.33
N LEU D 194 13.65 -48.94 10.58
CA LEU D 194 14.99 -48.43 10.83
C LEU D 194 16.05 -49.39 10.33
N GLY D 195 15.85 -50.69 10.52
CA GLY D 195 16.83 -51.67 10.09
C GLY D 195 16.59 -52.22 8.71
N THR D 196 15.32 -52.55 8.40
CA THR D 196 15.01 -53.14 7.10
C THR D 196 15.28 -52.17 5.96
N GLN D 197 14.93 -50.89 6.15
CA GLN D 197 15.07 -49.88 5.12
C GLN D 197 16.30 -49.02 5.40
N THR D 198 17.12 -48.81 4.37
CA THR D 198 18.30 -47.97 4.49
C THR D 198 17.98 -46.55 4.03
N TYR D 199 18.64 -45.57 4.66
CA TYR D 199 18.38 -44.17 4.40
C TYR D 199 19.69 -43.47 4.02
N ILE D 200 19.71 -42.86 2.84
CA ILE D 200 20.87 -42.14 2.34
C ILE D 200 20.41 -40.78 1.84
N CYS D 201 21.09 -39.72 2.26
CA CYS D 201 20.79 -38.38 1.81
C CYS D 201 21.86 -37.93 0.82
N ASN D 202 21.41 -37.44 -0.34
CA ASN D 202 22.31 -37.02 -1.41
C ASN D 202 22.41 -35.50 -1.40
N VAL D 203 23.62 -34.99 -1.24
CA VAL D 203 23.88 -33.56 -1.20
C VAL D 203 24.63 -33.17 -2.47
N ASN D 204 24.10 -32.17 -3.18
CA ASN D 204 24.67 -31.73 -4.46
C ASN D 204 24.96 -30.24 -4.37
N HIS D 205 26.24 -29.88 -4.44
CA HIS D 205 26.67 -28.49 -4.50
C HIS D 205 27.33 -28.26 -5.85
N LYS D 206 26.58 -27.65 -6.77
CA LYS D 206 27.09 -27.42 -8.12
C LYS D 206 28.32 -26.51 -8.15
N PRO D 207 28.35 -25.36 -7.47
CA PRO D 207 29.57 -24.52 -7.53
C PRO D 207 30.82 -25.22 -7.06
N SER D 208 30.71 -26.11 -6.07
CA SER D 208 31.88 -26.84 -5.56
C SER D 208 32.11 -28.16 -6.28
N ASN D 209 31.21 -28.57 -7.18
CA ASN D 209 31.31 -29.85 -7.87
C ASN D 209 31.44 -31.00 -6.88
N THR D 210 30.61 -30.96 -5.84
CA THR D 210 30.64 -31.94 -4.77
C THR D 210 29.35 -32.74 -4.78
N LYS D 211 29.46 -34.06 -4.70
CA LYS D 211 28.31 -34.96 -4.64
C LYS D 211 28.60 -35.99 -3.55
N VAL D 212 27.93 -35.84 -2.40
CA VAL D 212 28.12 -36.71 -1.26
C VAL D 212 26.85 -37.50 -1.03
N ASP D 213 26.99 -38.83 -0.89
CA ASP D 213 25.89 -39.72 -0.58
C ASP D 213 26.20 -40.35 0.78
N LYS D 214 25.67 -39.76 1.84
CA LYS D 214 25.92 -40.21 3.20
C LYS D 214 24.77 -41.09 3.67
N ARG D 215 25.11 -42.27 4.19
CA ARG D 215 24.11 -43.20 4.69
C ARG D 215 23.89 -42.97 6.18
N VAL D 216 22.64 -42.78 6.57
CA VAL D 216 22.27 -42.51 7.96
C VAL D 216 21.74 -43.79 8.56
N GLU D 217 22.40 -44.25 9.62
CA GLU D 217 21.99 -45.45 10.33
C GLU D 217 21.95 -45.18 11.82
N PRO D 218 21.13 -45.90 12.57
CA PRO D 218 21.10 -45.71 14.03
C PRO D 218 22.44 -46.09 14.65
N LYS D 219 22.79 -45.35 15.71
CA LYS D 219 24.05 -45.58 16.41
C LYS D 219 23.81 -45.80 17.90
N ILE E 2 -12.59 33.45 2.57
CA ILE E 2 -12.34 32.48 1.51
C ILE E 2 -13.57 32.33 0.63
N GLN E 3 -14.68 32.95 1.05
CA GLN E 3 -15.94 32.87 0.34
C GLN E 3 -16.14 34.12 -0.51
N ARG E 4 -16.51 33.92 -1.77
CA ARG E 4 -16.82 35.00 -2.68
C ARG E 4 -18.24 34.81 -3.22
N THR E 5 -18.99 35.91 -3.26
CA THR E 5 -20.37 35.84 -3.72
C THR E 5 -20.41 35.53 -5.22
N PRO E 6 -21.44 34.82 -5.68
CA PRO E 6 -21.53 34.51 -7.11
C PRO E 6 -21.93 35.72 -7.93
N LYS E 7 -21.27 35.87 -9.08
CA LYS E 7 -21.69 36.83 -10.09
C LYS E 7 -22.69 36.13 -11.01
N ILE E 8 -23.91 36.66 -11.05
CA ILE E 8 -25.06 35.96 -11.63
C ILE E 8 -25.40 36.62 -12.95
N GLN E 9 -25.63 35.81 -13.98
CA GLN E 9 -26.05 36.31 -15.27
C GLN E 9 -27.10 35.37 -15.85
N VAL E 10 -28.25 35.92 -16.22
CA VAL E 10 -29.34 35.19 -16.85
C VAL E 10 -29.50 35.72 -18.26
N TYR E 11 -29.38 34.83 -19.24
CA TYR E 11 -29.34 35.25 -20.64
C TYR E 11 -29.68 34.06 -21.52
N SER E 12 -29.95 34.34 -22.79
CA SER E 12 -30.26 33.34 -23.79
C SER E 12 -29.18 33.36 -24.88
N ARG E 13 -29.08 32.24 -25.60
CA ARG E 13 -28.06 32.11 -26.64
C ARG E 13 -28.26 33.15 -27.74
N HIS E 14 -29.50 33.35 -28.18
CA HIS E 14 -29.78 34.30 -29.25
C HIS E 14 -30.72 35.40 -28.77
N SER E 21 -37.87 27.76 -30.48
CA SER E 21 -37.29 27.38 -29.20
C SER E 21 -36.01 28.17 -28.93
N ASN E 22 -35.44 27.96 -27.75
CA ASN E 22 -34.23 28.67 -27.35
C ASN E 22 -33.62 27.95 -26.16
N PHE E 23 -32.53 28.50 -25.64
CA PHE E 23 -31.88 28.02 -24.43
C PHE E 23 -31.74 29.17 -23.45
N LEU E 24 -32.01 28.89 -22.18
CA LEU E 24 -31.91 29.89 -21.12
C LEU E 24 -30.73 29.53 -20.22
N ASN E 25 -29.67 30.33 -20.30
CA ASN E 25 -28.45 30.10 -19.54
C ASN E 25 -28.45 30.93 -18.26
N CYS E 26 -28.04 30.31 -17.16
CA CYS E 26 -27.83 30.99 -15.89
C CYS E 26 -26.36 30.79 -15.52
N TYR E 27 -25.53 31.77 -15.90
CA TYR E 27 -24.09 31.69 -15.66
C TYR E 27 -23.77 32.30 -14.30
N VAL E 28 -23.36 31.45 -13.36
CA VAL E 28 -22.89 31.90 -12.06
C VAL E 28 -21.39 31.73 -12.02
N SER E 29 -20.66 32.82 -11.81
CA SER E 29 -19.22 32.82 -11.87
C SER E 29 -18.65 33.58 -10.69
N GLY E 30 -17.37 33.34 -10.41
CA GLY E 30 -16.68 34.08 -9.37
C GLY E 30 -17.10 33.75 -7.96
N PHE E 31 -17.67 32.56 -7.73
CA PHE E 31 -18.14 32.18 -6.41
C PHE E 31 -17.18 31.18 -5.78
N HIS E 32 -17.31 31.04 -4.46
CA HIS E 32 -16.56 30.08 -3.66
C HIS E 32 -17.29 29.88 -2.33
N PRO E 33 -17.49 28.64 -1.88
CA PRO E 33 -17.05 27.37 -2.48
C PRO E 33 -17.88 26.96 -3.69
N SER E 34 -17.64 25.78 -4.22
CA SER E 34 -18.31 25.34 -5.45
C SER E 34 -19.77 24.98 -5.21
N ASP E 35 -20.16 24.67 -3.98
CA ASP E 35 -21.52 24.22 -3.70
C ASP E 35 -22.49 25.37 -3.94
N ILE E 36 -23.21 25.30 -5.05
CA ILE E 36 -24.20 26.30 -5.41
C ILE E 36 -25.50 25.60 -5.75
N GLU E 37 -26.61 26.32 -5.60
CA GLU E 37 -27.95 25.78 -5.87
C GLU E 37 -28.63 26.71 -6.87
N VAL E 38 -28.60 26.32 -8.14
CA VAL E 38 -29.20 27.11 -9.21
C VAL E 38 -30.48 26.41 -9.65
N ASP E 39 -31.59 27.14 -9.62
CA ASP E 39 -32.89 26.62 -10.00
C ASP E 39 -33.56 27.61 -10.94
N LEU E 40 -33.60 27.30 -12.23
CA LEU E 40 -34.27 28.15 -13.19
C LEU E 40 -35.78 28.10 -12.96
N LEU E 41 -36.40 29.27 -12.89
CA LEU E 41 -37.81 29.40 -12.54
C LEU E 41 -38.61 29.85 -13.76
N LYS E 42 -39.73 29.18 -14.01
CA LYS E 42 -40.69 29.59 -15.02
C LYS E 42 -41.91 30.15 -14.29
N ASN E 43 -42.09 31.47 -14.37
CA ASN E 43 -43.18 32.16 -13.65
C ASN E 43 -43.12 31.86 -12.16
N GLY E 44 -41.90 31.73 -11.62
CA GLY E 44 -41.70 31.39 -10.23
C GLY E 44 -41.69 29.91 -9.93
N GLU E 45 -41.92 29.05 -10.92
CA GLU E 45 -41.94 27.61 -10.73
C GLU E 45 -40.67 27.00 -11.30
N ARG E 46 -40.01 26.17 -10.50
CA ARG E 46 -38.74 25.59 -10.91
C ARG E 46 -38.92 24.69 -12.14
N ILE E 47 -38.00 24.82 -13.09
CA ILE E 47 -38.01 24.01 -14.30
C ILE E 47 -37.25 22.72 -14.03
N GLU E 48 -37.88 21.58 -14.34
CA GLU E 48 -37.28 20.29 -14.07
C GLU E 48 -36.25 19.89 -15.12
N LYS E 49 -36.45 20.26 -16.38
CA LYS E 49 -35.57 19.87 -17.47
C LYS E 49 -34.40 20.84 -17.62
N VAL E 50 -33.63 20.97 -16.54
CA VAL E 50 -32.52 21.92 -16.46
C VAL E 50 -31.22 21.12 -16.42
N GLU E 51 -30.29 21.49 -17.30
CA GLU E 51 -28.98 20.85 -17.39
C GLU E 51 -27.90 21.85 -17.01
N HIS E 52 -26.80 21.34 -16.46
CA HIS E 52 -25.68 22.18 -16.05
C HIS E 52 -24.39 21.66 -16.68
N SER E 53 -23.43 22.57 -16.83
CA SER E 53 -22.14 22.24 -17.40
C SER E 53 -21.25 21.61 -16.33
N ASP E 54 -19.98 21.39 -16.67
CA ASP E 54 -19.03 20.80 -15.74
C ASP E 54 -18.32 21.88 -14.95
N LEU E 55 -18.12 21.62 -13.66
CA LEU E 55 -17.55 22.60 -12.76
C LEU E 55 -16.10 22.90 -13.13
N SER E 56 -15.82 24.17 -13.42
CA SER E 56 -14.47 24.64 -13.71
C SER E 56 -14.22 25.93 -12.94
N PHE E 57 -12.96 26.30 -12.83
CA PHE E 57 -12.57 27.51 -12.11
C PHE E 57 -11.67 28.37 -12.99
N SER E 58 -11.44 29.60 -12.53
CA SER E 58 -10.67 30.59 -13.26
C SER E 58 -9.26 30.70 -12.69
N LYS E 59 -8.49 31.67 -13.17
CA LYS E 59 -7.13 31.87 -12.71
C LYS E 59 -7.07 32.37 -11.27
N ASP E 60 -8.10 33.04 -10.79
CA ASP E 60 -8.21 33.44 -9.39
C ASP E 60 -8.84 32.37 -8.54
N TRP E 61 -8.95 31.14 -9.06
CA TRP E 61 -9.47 29.96 -8.38
C TRP E 61 -10.97 30.06 -8.11
N SER E 62 -11.63 31.06 -8.65
CA SER E 62 -13.08 31.21 -8.48
C SER E 62 -13.82 30.35 -9.50
N PHE E 63 -14.86 29.68 -9.04
CA PHE E 63 -15.60 28.73 -9.84
C PHE E 63 -16.58 29.44 -10.77
N TYR E 64 -16.99 28.72 -11.81
CA TYR E 64 -18.09 29.16 -12.67
C TYR E 64 -18.85 27.94 -13.16
N LEU E 65 -20.14 28.13 -13.41
CA LEU E 65 -21.01 27.06 -13.85
C LEU E 65 -22.02 27.61 -14.83
N LEU E 66 -22.51 26.76 -15.72
CA LEU E 66 -23.51 27.14 -16.71
C LEU E 66 -24.70 26.20 -16.59
N TYR E 67 -25.83 26.73 -16.15
CA TYR E 67 -27.09 25.99 -16.10
C TYR E 67 -27.95 26.43 -17.26
N TYR E 68 -28.40 25.48 -18.08
CA TYR E 68 -29.16 25.79 -19.27
C TYR E 68 -30.36 24.86 -19.38
N THR E 69 -31.38 25.32 -20.09
CA THR E 69 -32.58 24.54 -20.32
C THR E 69 -33.27 25.07 -21.57
N GLU E 70 -34.02 24.19 -22.24
CA GLU E 70 -34.79 24.58 -23.40
C GLU E 70 -36.02 25.38 -22.97
N PHE E 71 -36.23 26.53 -23.61
CA PHE E 71 -37.33 27.41 -23.24
C PHE E 71 -37.78 28.19 -24.47
N THR E 72 -39.00 28.70 -24.40
CA THR E 72 -39.56 29.49 -25.49
C THR E 72 -39.92 30.89 -25.01
N GLU E 78 -42.75 34.73 -17.42
CA GLU E 78 -41.60 35.52 -16.96
C GLU E 78 -40.55 34.62 -16.30
N TYR E 79 -39.51 34.31 -17.05
CA TYR E 79 -38.46 33.44 -16.56
C TYR E 79 -37.52 34.20 -15.62
N ALA E 80 -36.79 33.44 -14.82
CA ALA E 80 -35.83 33.99 -13.87
C ALA E 80 -34.86 32.88 -13.50
N CYS E 81 -34.00 33.15 -12.51
CA CYS E 81 -33.04 32.16 -12.04
C CYS E 81 -32.82 32.40 -10.55
N ARG E 82 -33.25 31.45 -9.74
CA ARG E 82 -33.07 31.52 -8.29
C ARG E 82 -31.80 30.76 -7.92
N VAL E 83 -30.81 31.48 -7.42
CA VAL E 83 -29.53 30.90 -7.04
C VAL E 83 -29.31 31.12 -5.55
N ASN E 84 -28.97 30.05 -4.84
CA ASN E 84 -28.67 30.10 -3.42
C ASN E 84 -27.22 29.69 -3.21
N HIS E 85 -26.48 30.51 -2.46
CA HIS E 85 -25.09 30.25 -2.14
C HIS E 85 -24.88 30.52 -0.66
N VAL E 86 -23.75 30.04 -0.14
CA VAL E 86 -23.42 30.27 1.26
C VAL E 86 -23.31 31.77 1.54
N THR E 87 -22.71 32.52 0.61
CA THR E 87 -22.57 33.96 0.81
C THR E 87 -23.93 34.65 0.87
N LEU E 88 -24.87 34.24 0.02
CA LEU E 88 -26.19 34.85 0.02
C LEU E 88 -26.97 34.39 1.25
N SER E 89 -27.53 35.36 1.99
CA SER E 89 -28.32 35.03 3.16
C SER E 89 -29.63 34.34 2.78
N GLN E 90 -30.29 34.84 1.75
CA GLN E 90 -31.54 34.31 1.23
C GLN E 90 -31.39 34.10 -0.27
N PRO E 91 -32.21 33.21 -0.86
CA PRO E 91 -32.11 33.01 -2.31
C PRO E 91 -32.35 34.31 -3.08
N LYS E 92 -31.55 34.50 -4.12
CA LYS E 92 -31.56 35.73 -4.90
C LYS E 92 -32.13 35.40 -6.27
N ILE E 93 -33.18 36.12 -6.68
CA ILE E 93 -33.86 35.89 -7.94
C ILE E 93 -33.47 37.01 -8.90
N VAL E 94 -32.84 36.62 -10.02
CA VAL E 94 -32.44 37.54 -11.06
C VAL E 94 -33.32 37.27 -12.27
N LYS E 95 -34.18 38.22 -12.62
CA LYS E 95 -35.09 38.05 -13.73
C LYS E 95 -34.31 38.00 -15.04
N TRP E 96 -34.79 37.17 -15.97
CA TRP E 96 -34.20 37.08 -17.30
C TRP E 96 -34.56 38.34 -18.09
N ASP E 97 -33.60 39.23 -18.25
CA ASP E 97 -33.79 40.46 -19.01
C ASP E 97 -33.30 40.25 -20.43
N ARG E 98 -34.18 40.47 -21.40
CA ARG E 98 -33.79 40.34 -22.80
C ARG E 98 -32.87 41.46 -23.26
N ASP E 99 -32.74 42.53 -22.47
CA ASP E 99 -31.82 43.63 -22.77
C ASP E 99 -30.53 43.54 -21.97
N MET E 100 -30.33 42.47 -21.22
CA MET E 100 -29.12 42.31 -20.42
C MET E 100 -28.60 40.87 -20.50
N ASP F 1 12.62 10.10 9.47
CA ASP F 1 11.60 9.40 8.69
C ASP F 1 10.39 9.06 9.56
N ILE F 2 9.34 8.54 8.93
CA ILE F 2 8.09 8.21 9.61
C ILE F 2 8.09 6.71 9.87
N HIS F 3 8.33 6.32 11.12
CA HIS F 3 8.28 4.91 11.48
C HIS F 3 6.86 4.38 11.34
N MET F 4 6.75 3.13 10.89
CA MET F 4 5.46 2.54 10.56
C MET F 4 5.20 1.32 11.43
N THR F 5 3.95 1.16 11.85
CA THR F 5 3.55 0.08 12.74
C THR F 5 2.37 -0.67 12.13
N GLN F 6 2.31 -1.96 12.43
CA GLN F 6 1.23 -2.82 11.97
C GLN F 6 0.67 -3.62 13.14
N SER F 7 -0.61 -3.97 13.03
CA SER F 7 -1.26 -4.74 14.07
C SER F 7 -2.30 -5.66 13.44
N PRO F 8 -2.29 -6.95 13.78
CA PRO F 8 -1.33 -7.64 14.64
C PRO F 8 -0.14 -8.15 13.85
N SER F 9 0.87 -8.73 14.53
CA SER F 9 2.01 -9.26 13.80
C SER F 9 1.64 -10.48 12.97
N SER F 10 0.74 -11.33 13.48
CA SER F 10 0.33 -12.52 12.77
C SER F 10 -1.19 -12.67 12.90
N VAL F 11 -1.80 -13.22 11.84
CA VAL F 11 -3.24 -13.47 11.80
C VAL F 11 -3.45 -14.91 11.33
N SER F 12 -3.64 -15.82 12.27
CA SER F 12 -3.99 -17.19 11.93
C SER F 12 -5.47 -17.25 11.57
N ALA F 13 -5.78 -17.64 10.34
CA ALA F 13 -7.14 -17.64 9.83
C ALA F 13 -7.39 -18.90 9.03
N SER F 14 -8.65 -19.10 8.64
CA SER F 14 -9.08 -20.23 7.85
C SER F 14 -9.78 -19.76 6.58
N VAL F 15 -10.01 -20.69 5.66
CA VAL F 15 -10.68 -20.35 4.42
C VAL F 15 -12.13 -19.96 4.70
N GLY F 16 -12.55 -18.83 4.13
CA GLY F 16 -13.85 -18.29 4.39
C GLY F 16 -13.92 -17.32 5.56
N ASP F 17 -12.81 -17.12 6.27
CA ASP F 17 -12.78 -16.20 7.39
C ASP F 17 -12.70 -14.75 6.89
N ARG F 18 -13.05 -13.83 7.78
CA ARG F 18 -12.86 -12.40 7.55
C ARG F 18 -11.65 -11.94 8.33
N VAL F 19 -10.67 -11.36 7.63
CA VAL F 19 -9.38 -11.02 8.22
C VAL F 19 -9.22 -9.51 8.19
N THR F 20 -8.87 -8.92 9.34
CA THR F 20 -8.65 -7.49 9.47
C THR F 20 -7.23 -7.25 9.96
N ILE F 21 -6.51 -6.40 9.22
CA ILE F 21 -5.13 -6.05 9.55
C ILE F 21 -5.02 -4.54 9.65
N THR F 22 -4.41 -4.07 10.74
CA THR F 22 -4.38 -2.65 11.07
C THR F 22 -2.95 -2.11 10.95
N CYS F 23 -2.83 -0.87 10.48
CA CYS F 23 -1.55 -0.20 10.33
C CYS F 23 -1.65 1.21 10.91
N ARG F 24 -0.53 1.71 11.43
CA ARG F 24 -0.48 3.04 12.02
C ARG F 24 0.81 3.73 11.59
N ALA F 25 0.89 5.03 11.87
CA ALA F 25 2.05 5.84 11.51
C ALA F 25 2.47 6.68 12.71
N SER F 26 3.78 6.92 12.82
CA SER F 26 4.30 7.75 13.90
C SER F 26 3.81 9.19 13.77
N GLN F 27 3.83 9.75 12.57
CA GLN F 27 3.33 11.08 12.29
C GLN F 27 2.18 10.99 11.32
N GLY F 28 1.52 12.12 11.08
CA GLY F 28 0.44 12.17 10.11
C GLY F 28 0.93 11.88 8.71
N ILE F 29 0.36 10.88 8.07
CA ILE F 29 0.75 10.50 6.71
C ILE F 29 -0.40 10.67 5.74
N SER F 30 -1.40 11.48 6.10
CA SER F 30 -2.58 11.74 5.26
C SER F 30 -3.25 10.39 4.99
N SER F 31 -3.68 10.12 3.76
CA SER F 31 -4.19 8.81 3.38
C SER F 31 -3.22 8.07 2.46
N TRP F 32 -1.97 8.50 2.40
CA TRP F 32 -0.97 7.92 1.51
C TRP F 32 -0.45 6.63 2.14
N LEU F 33 -1.24 5.58 2.03
CA LEU F 33 -0.89 4.26 2.54
C LEU F 33 -1.16 3.20 1.48
N ALA F 34 -0.19 2.33 1.26
CA ALA F 34 -0.30 1.25 0.29
C ALA F 34 -0.20 -0.09 1.00
N TRP F 35 -0.86 -1.10 0.43
CA TRP F 35 -0.86 -2.45 1.00
C TRP F 35 -0.26 -3.42 -0.01
N TYR F 36 0.66 -4.26 0.46
CA TYR F 36 1.36 -5.22 -0.38
C TYR F 36 1.10 -6.63 0.11
N GLN F 37 1.12 -7.58 -0.83
CA GLN F 37 1.07 -8.99 -0.53
C GLN F 37 2.34 -9.64 -1.06
N GLN F 38 2.98 -10.47 -0.24
CA GLN F 38 4.24 -11.10 -0.63
C GLN F 38 4.25 -12.55 -0.17
N LYS F 39 4.25 -13.47 -1.13
CA LYS F 39 4.46 -14.88 -0.84
C LYS F 39 5.96 -15.15 -0.66
N PRO F 40 6.34 -16.17 0.11
CA PRO F 40 7.77 -16.43 0.32
C PRO F 40 8.48 -16.77 -0.98
N GLY F 41 9.63 -16.15 -1.17
CA GLY F 41 10.43 -16.35 -2.36
C GLY F 41 10.02 -15.53 -3.57
N LYS F 42 9.01 -14.68 -3.44
CA LYS F 42 8.53 -13.87 -4.55
C LYS F 42 8.52 -12.40 -4.15
N ALA F 43 8.46 -11.54 -5.17
CA ALA F 43 8.44 -10.11 -4.94
C ALA F 43 7.07 -9.67 -4.42
N PRO F 44 7.01 -8.60 -3.63
CA PRO F 44 5.73 -8.14 -3.09
C PRO F 44 4.77 -7.73 -4.20
N LYS F 45 3.48 -7.93 -3.93
CA LYS F 45 2.41 -7.60 -4.87
C LYS F 45 1.52 -6.54 -4.23
N LEU F 46 1.36 -5.42 -4.93
CA LEU F 46 0.53 -4.33 -4.42
C LEU F 46 -0.94 -4.70 -4.51
N LEU F 47 -1.67 -4.52 -3.41
CA LEU F 47 -3.10 -4.77 -3.36
C LEU F 47 -3.92 -3.49 -3.32
N ILE F 48 -3.68 -2.65 -2.31
CA ILE F 48 -4.46 -1.43 -2.09
C ILE F 48 -3.51 -0.26 -1.94
N TYR F 49 -3.79 0.82 -2.65
CA TYR F 49 -3.03 2.05 -2.54
C TYR F 49 -3.97 3.18 -2.09
N ALA F 50 -3.38 4.19 -1.46
CA ALA F 50 -4.11 5.34 -0.93
C ALA F 50 -5.15 4.93 0.12
N ALA F 51 -4.96 3.77 0.73
CA ALA F 51 -5.71 3.29 1.90
C ALA F 51 -7.13 2.86 1.57
N SER F 52 -7.57 3.09 0.34
CA SER F 52 -8.93 2.67 -0.05
C SER F 52 -9.02 2.09 -1.46
N SER F 53 -8.12 2.41 -2.37
CA SER F 53 -8.26 2.02 -3.77
C SER F 53 -7.67 0.65 -4.01
N LEU F 54 -8.36 -0.14 -4.83
CA LEU F 54 -7.94 -1.50 -5.14
C LEU F 54 -7.13 -1.51 -6.43
N GLN F 55 -6.00 -2.21 -6.41
CA GLN F 55 -5.16 -2.32 -7.60
C GLN F 55 -5.85 -3.19 -8.65
N SER F 56 -5.61 -2.86 -9.91
CA SER F 56 -6.21 -3.60 -11.02
C SER F 56 -5.70 -5.04 -11.01
N GLY F 57 -6.63 -5.99 -11.11
CA GLY F 57 -6.31 -7.40 -11.07
C GLY F 57 -6.43 -8.04 -9.71
N VAL F 58 -6.43 -7.26 -8.64
CA VAL F 58 -6.57 -7.77 -7.29
C VAL F 58 -8.03 -8.15 -7.06
N PRO F 59 -8.32 -9.30 -6.44
CA PRO F 59 -9.70 -9.68 -6.19
C PRO F 59 -10.42 -8.68 -5.30
N SER F 60 -11.72 -8.55 -5.53
CA SER F 60 -12.53 -7.57 -4.82
C SER F 60 -12.69 -7.88 -3.34
N ARG F 61 -12.30 -9.08 -2.90
CA ARG F 61 -12.41 -9.44 -1.49
C ARG F 61 -11.47 -8.63 -0.62
N PHE F 62 -10.42 -8.02 -1.19
CA PHE F 62 -9.52 -7.17 -0.45
C PHE F 62 -10.10 -5.76 -0.35
N SER F 63 -10.15 -5.22 0.86
CA SER F 63 -10.70 -3.90 1.09
C SER F 63 -9.84 -3.14 2.09
N GLY F 64 -9.80 -1.83 1.92
CA GLY F 64 -9.05 -0.97 2.83
C GLY F 64 -9.91 0.18 3.31
N SER F 65 -9.62 0.61 4.54
CA SER F 65 -10.37 1.70 5.15
C SER F 65 -9.44 2.50 6.06
N GLU F 66 -9.85 3.74 6.32
CA GLU F 66 -9.10 4.65 7.18
C GLU F 66 -10.08 5.47 7.99
N SER F 67 -10.00 5.37 9.32
CA SER F 67 -10.87 6.15 10.18
C SER F 67 -10.20 7.46 10.60
N GLY F 68 -9.08 7.36 11.29
CA GLY F 68 -8.26 8.51 11.61
C GLY F 68 -7.00 8.08 12.35
N THR F 69 -5.85 8.56 11.86
CA THR F 69 -4.55 8.11 12.38
C THR F 69 -4.46 6.59 12.45
N ASP F 70 -5.16 5.91 11.55
CA ASP F 70 -5.28 4.47 11.60
C ASP F 70 -5.76 3.95 10.25
N PHE F 71 -5.25 2.80 9.83
CA PHE F 71 -5.60 2.22 8.55
C PHE F 71 -5.88 0.72 8.74
N THR F 72 -6.81 0.21 7.93
CA THR F 72 -7.29 -1.16 8.08
C THR F 72 -7.29 -1.86 6.72
N LEU F 73 -6.81 -3.10 6.73
CA LEU F 73 -6.86 -3.99 5.57
C LEU F 73 -7.80 -5.14 5.88
N THR F 74 -8.81 -5.34 5.04
CA THR F 74 -9.84 -6.34 5.27
C THR F 74 -9.83 -7.36 4.15
N ILE F 75 -9.94 -8.64 4.51
CA ILE F 75 -10.07 -9.73 3.55
C ILE F 75 -11.33 -10.49 3.93
N SER F 76 -12.44 -10.15 3.28
CA SER F 76 -13.69 -10.88 3.49
C SER F 76 -13.71 -12.13 2.61
N SER F 77 -14.16 -13.23 3.19
CA SER F 77 -14.19 -14.54 2.50
C SER F 77 -12.79 -14.93 2.04
N LEU F 78 -11.93 -15.18 3.03
CA LEU F 78 -10.54 -15.54 2.78
C LEU F 78 -10.47 -16.80 1.93
N GLN F 79 -9.50 -16.83 1.02
CA GLN F 79 -9.28 -17.90 0.06
C GLN F 79 -7.91 -18.52 0.26
N PRO F 80 -7.69 -19.74 -0.24
CA PRO F 80 -6.40 -20.42 -0.01
C PRO F 80 -5.20 -19.68 -0.60
N GLU F 81 -5.41 -18.77 -1.56
CA GLU F 81 -4.32 -18.03 -2.16
C GLU F 81 -4.02 -16.72 -1.44
N ASP F 82 -4.72 -16.42 -0.35
CA ASP F 82 -4.55 -15.17 0.37
C ASP F 82 -3.62 -15.29 1.57
N PHE F 83 -3.01 -16.44 1.78
CA PHE F 83 -2.10 -16.65 2.91
C PHE F 83 -0.72 -16.15 2.49
N ALA F 84 -0.29 -15.04 3.06
CA ALA F 84 0.98 -14.40 2.70
C ALA F 84 1.30 -13.36 3.77
N THR F 85 2.32 -12.55 3.52
CA THR F 85 2.72 -11.47 4.40
C THR F 85 2.28 -10.14 3.79
N TYR F 86 1.75 -9.26 4.62
CA TYR F 86 1.15 -8.00 4.17
C TYR F 86 1.90 -6.83 4.78
N TYR F 87 2.25 -5.86 3.94
CA TYR F 87 3.01 -4.68 4.36
C TYR F 87 2.20 -3.43 4.07
N CYS F 88 2.23 -2.47 4.99
CA CYS F 88 1.70 -1.14 4.76
C CYS F 88 2.86 -0.18 4.55
N GLN F 89 2.77 0.64 3.51
CA GLN F 89 3.84 1.56 3.14
C GLN F 89 3.30 2.97 3.06
N GLN F 90 3.99 3.91 3.69
CA GLN F 90 3.61 5.31 3.63
C GLN F 90 4.37 6.03 2.52
N ALA F 91 3.73 7.06 1.97
CA ALA F 91 4.37 7.89 0.96
C ALA F 91 4.04 9.36 1.14
N ASN F 92 3.78 9.79 2.37
CA ASN F 92 3.51 11.21 2.60
C ASN F 92 4.79 12.03 2.53
N SER F 93 5.87 11.53 3.14
CA SER F 93 7.14 12.23 3.15
C SER F 93 8.26 11.26 2.85
N PHE F 94 9.28 11.74 2.14
CA PHE F 94 10.43 10.90 1.83
C PHE F 94 11.30 10.75 3.07
N PRO F 95 11.92 9.58 3.25
CA PRO F 95 11.94 8.39 2.37
C PRO F 95 10.66 7.55 2.41
N PHE F 96 10.42 6.73 1.40
CA PHE F 96 9.36 5.73 1.49
C PHE F 96 9.64 4.78 2.66
N THR F 97 8.62 4.53 3.46
CA THR F 97 8.76 3.67 4.63
C THR F 97 7.73 2.55 4.56
N PHE F 98 8.17 1.33 4.84
CA PHE F 98 7.29 0.17 4.87
C PHE F 98 6.96 -0.20 6.31
N GLY F 99 5.88 -0.96 6.46
CA GLY F 99 5.53 -1.50 7.75
C GLY F 99 6.29 -2.77 8.06
N PRO F 100 6.23 -3.19 9.32
CA PRO F 100 6.94 -4.42 9.71
C PRO F 100 6.48 -5.65 8.95
N GLY F 101 5.21 -5.73 8.61
CA GLY F 101 4.68 -6.88 7.89
C GLY F 101 3.82 -7.74 8.80
N THR F 102 2.68 -8.18 8.28
CA THR F 102 1.75 -9.04 9.00
C THR F 102 1.54 -10.31 8.18
N LYS F 103 1.78 -11.46 8.80
CA LYS F 103 1.64 -12.74 8.13
C LYS F 103 0.29 -13.36 8.45
N VAL F 104 -0.36 -13.93 7.43
CA VAL F 104 -1.63 -14.62 7.58
C VAL F 104 -1.38 -16.11 7.34
N ASP F 105 -1.68 -16.92 8.34
CA ASP F 105 -1.49 -18.36 8.29
C ASP F 105 -2.81 -19.08 8.02
N ILE F 106 -2.70 -20.37 7.73
CA ILE F 106 -3.87 -21.24 7.62
C ILE F 106 -4.12 -21.83 9.00
N LYS F 107 -5.19 -21.39 9.64
CA LYS F 107 -5.47 -21.85 11.00
C LYS F 107 -5.84 -23.32 11.00
N ARG F 108 -5.46 -24.00 12.07
CA ARG F 108 -5.79 -25.39 12.30
C ARG F 108 -5.76 -25.66 13.79
N THR F 109 -6.17 -26.86 14.18
CA THR F 109 -6.15 -27.23 15.58
C THR F 109 -4.72 -27.19 16.11
N VAL F 110 -4.59 -26.77 17.37
CA VAL F 110 -3.26 -26.58 17.96
C VAL F 110 -2.58 -27.94 18.10
N ALA F 111 -1.35 -28.03 17.60
CA ALA F 111 -0.53 -29.24 17.69
C ALA F 111 0.75 -28.92 18.42
N ALA F 112 1.03 -29.67 19.48
CA ALA F 112 2.28 -29.48 20.20
C ALA F 112 3.43 -30.09 19.40
N PRO F 113 4.62 -29.47 19.46
CA PRO F 113 5.75 -30.00 18.69
C PRO F 113 6.22 -31.35 19.22
N SER F 114 6.76 -32.15 18.31
CA SER F 114 7.49 -33.37 18.66
C SER F 114 8.97 -33.04 18.62
N VAL F 115 9.67 -33.27 19.73
CA VAL F 115 11.04 -32.82 19.90
C VAL F 115 11.98 -34.02 19.75
N PHE F 116 12.93 -33.89 18.84
CA PHE F 116 14.01 -34.86 18.67
C PHE F 116 15.35 -34.15 18.78
N ILE F 117 16.29 -34.75 19.48
CA ILE F 117 17.63 -34.21 19.62
C ILE F 117 18.60 -35.13 18.87
N PHE F 118 19.71 -34.55 18.41
CA PHE F 118 20.68 -35.26 17.60
C PHE F 118 22.08 -35.03 18.17
N PRO F 119 22.77 -36.06 18.65
CA PRO F 119 24.16 -35.88 19.06
C PRO F 119 25.04 -35.62 17.86
N PRO F 120 26.16 -34.92 18.03
CA PRO F 120 27.07 -34.70 16.89
C PRO F 120 27.69 -36.00 16.42
N SER F 121 27.92 -36.07 15.11
CA SER F 121 28.50 -37.27 14.51
C SER F 121 29.97 -37.39 14.88
N ASP F 122 30.45 -38.63 14.91
CA ASP F 122 31.86 -38.88 15.24
C ASP F 122 32.78 -38.30 14.17
N GLU F 123 32.38 -38.40 12.90
CA GLU F 123 33.21 -37.88 11.83
C GLU F 123 33.37 -36.36 11.91
N GLN F 124 32.38 -35.66 12.46
CA GLN F 124 32.53 -34.23 12.68
C GLN F 124 33.41 -33.92 13.89
N LEU F 125 33.35 -34.77 14.92
CA LEU F 125 34.19 -34.56 16.10
C LEU F 125 35.68 -34.70 15.78
N LYS F 126 36.02 -35.42 14.72
CA LYS F 126 37.40 -35.52 14.29
C LYS F 126 37.86 -34.31 13.47
N SER F 127 36.95 -33.40 13.12
CA SER F 127 37.28 -32.19 12.40
C SER F 127 37.49 -30.99 13.33
N GLY F 128 37.44 -31.20 14.64
CA GLY F 128 37.65 -30.12 15.59
C GLY F 128 36.43 -29.27 15.89
N THR F 129 35.24 -29.72 15.49
CA THR F 129 34.01 -28.97 15.74
C THR F 129 32.91 -29.93 16.15
N ALA F 130 31.92 -29.40 16.86
CA ALA F 130 30.77 -30.18 17.30
C ALA F 130 29.50 -29.36 17.08
N SER F 131 28.45 -30.03 16.61
CA SER F 131 27.16 -29.39 16.37
C SER F 131 26.06 -30.25 16.98
N VAL F 132 25.20 -29.63 17.77
CA VAL F 132 24.05 -30.28 18.38
C VAL F 132 22.79 -29.70 17.74
N VAL F 133 21.90 -30.59 17.30
CA VAL F 133 20.70 -30.20 16.58
C VAL F 133 19.47 -30.65 17.36
N CYS F 134 18.57 -29.72 17.62
CA CYS F 134 17.27 -30.01 18.24
C CYS F 134 16.18 -29.76 17.22
N LEU F 135 15.34 -30.77 16.98
CA LEU F 135 14.32 -30.70 15.96
C LEU F 135 12.94 -30.56 16.61
N LEU F 136 12.18 -29.56 16.16
CA LEU F 136 10.80 -29.37 16.56
C LEU F 136 9.93 -29.67 15.35
N ASN F 137 9.06 -30.67 15.47
CA ASN F 137 8.35 -31.22 14.32
C ASN F 137 6.84 -31.05 14.49
N ASN F 138 6.21 -30.48 13.46
CA ASN F 138 4.76 -30.50 13.27
C ASN F 138 4.03 -29.86 14.46
N PHE F 139 4.27 -28.56 14.61
CA PHE F 139 3.61 -27.77 15.64
C PHE F 139 2.85 -26.60 15.01
N TYR F 140 1.76 -26.20 15.67
CA TYR F 140 0.98 -25.05 15.28
C TYR F 140 0.44 -24.40 16.55
N PRO F 141 0.51 -23.07 16.67
CA PRO F 141 1.04 -22.09 15.71
C PRO F 141 2.56 -21.96 15.69
N ARG F 142 3.06 -21.02 14.90
CA ARG F 142 4.49 -20.86 14.69
C ARG F 142 5.22 -20.48 15.97
N GLU F 143 4.55 -19.80 16.89
CA GLU F 143 5.20 -19.19 18.04
C GLU F 143 5.67 -20.28 19.01
N ALA F 144 6.93 -20.67 18.88
CA ALA F 144 7.56 -21.63 19.78
C ALA F 144 8.94 -21.11 20.16
N LYS F 145 9.42 -21.56 21.31
CA LYS F 145 10.71 -21.13 21.84
C LYS F 145 11.53 -22.35 22.21
N VAL F 146 12.78 -22.39 21.75
CA VAL F 146 13.72 -23.44 22.10
C VAL F 146 14.93 -22.80 22.79
N GLN F 147 15.24 -23.28 23.98
CA GLN F 147 16.35 -22.76 24.77
C GLN F 147 17.35 -23.89 25.02
N TRP F 148 18.62 -23.64 24.68
CA TRP F 148 19.66 -24.64 24.83
C TRP F 148 20.23 -24.60 26.24
N LYS F 149 20.43 -25.78 26.82
CA LYS F 149 20.90 -25.91 28.19
C LYS F 149 21.84 -27.09 28.29
N VAL F 150 23.07 -26.85 28.76
CA VAL F 150 24.03 -27.91 29.05
C VAL F 150 24.39 -27.83 30.52
N ASP F 151 24.42 -28.99 31.19
CA ASP F 151 24.70 -29.07 32.62
C ASP F 151 23.79 -28.14 33.41
N ASN F 152 22.53 -28.06 33.01
CA ASN F 152 21.53 -27.18 33.63
C ASN F 152 22.01 -25.73 33.62
N ALA F 153 22.40 -25.24 32.45
CA ALA F 153 22.87 -23.87 32.31
C ALA F 153 22.41 -23.32 30.98
N LEU F 154 21.62 -22.25 31.02
CA LEU F 154 21.11 -21.64 29.80
C LEU F 154 22.23 -21.00 29.01
N GLN F 155 22.13 -21.07 27.67
CA GLN F 155 23.10 -20.49 26.76
C GLN F 155 22.44 -19.41 25.91
N SER F 156 23.28 -18.65 25.21
CA SER F 156 22.80 -17.62 24.30
C SER F 156 23.91 -17.28 23.32
N GLY F 157 23.52 -16.81 22.14
CA GLY F 157 24.46 -16.34 21.15
C GLY F 157 25.07 -17.42 20.28
N ASN F 158 25.32 -18.59 20.87
CA ASN F 158 25.99 -19.69 20.18
C ASN F 158 25.01 -20.67 19.53
N SER F 159 23.78 -20.24 19.28
CA SER F 159 22.78 -21.10 18.67
C SER F 159 22.07 -20.38 17.53
N GLN F 160 21.65 -21.14 16.53
CA GLN F 160 20.91 -20.61 15.39
C GLN F 160 19.72 -21.52 15.12
N GLU F 161 18.65 -20.92 14.60
CA GLU F 161 17.40 -21.62 14.37
C GLU F 161 16.90 -21.41 12.95
N SER F 162 16.25 -22.43 12.41
CA SER F 162 15.62 -22.37 11.10
C SER F 162 14.21 -22.95 11.20
N VAL F 163 13.27 -22.35 10.47
CA VAL F 163 11.87 -22.73 10.51
C VAL F 163 11.39 -23.02 9.10
N THR F 164 10.52 -24.03 8.96
CA THR F 164 9.92 -24.36 7.67
C THR F 164 8.78 -23.38 7.39
N GLU F 165 7.96 -23.69 6.38
CA GLU F 165 6.97 -22.75 5.86
C GLU F 165 5.59 -23.39 5.80
N GLN F 166 5.16 -24.01 6.89
CA GLN F 166 3.77 -24.49 7.04
C GLN F 166 3.42 -25.49 5.94
N ASP F 167 4.05 -26.67 6.04
CA ASP F 167 3.85 -27.78 5.12
C ASP F 167 2.39 -27.90 4.69
N SER F 168 2.17 -27.98 3.38
CA SER F 168 0.84 -27.86 2.81
C SER F 168 -0.07 -29.02 3.17
N LYS F 169 0.47 -30.15 3.60
CA LYS F 169 -0.36 -31.32 3.88
C LYS F 169 -1.18 -31.12 5.16
N ASP F 170 -0.53 -30.63 6.22
CA ASP F 170 -1.20 -30.47 7.51
C ASP F 170 -1.12 -29.06 8.07
N SER F 171 -0.50 -28.12 7.35
CA SER F 171 -0.43 -26.72 7.77
C SER F 171 0.24 -26.56 9.13
N THR F 172 1.25 -27.37 9.39
CA THR F 172 2.03 -27.29 10.62
C THR F 172 3.44 -26.81 10.31
N TYR F 173 4.12 -26.31 11.34
CA TYR F 173 5.46 -25.78 11.23
C TYR F 173 6.48 -26.78 11.77
N SER F 174 7.74 -26.58 11.37
CA SER F 174 8.84 -27.38 11.87
C SER F 174 10.03 -26.47 12.13
N LEU F 175 10.77 -26.75 13.20
CA LEU F 175 11.88 -25.91 13.63
C LEU F 175 13.09 -26.78 13.93
N SER F 176 14.27 -26.22 13.66
CA SER F 176 15.55 -26.86 13.95
C SER F 176 16.49 -25.85 14.58
N SER F 177 17.05 -26.19 15.73
CA SER F 177 18.01 -25.35 16.43
C SER F 177 19.37 -26.03 16.44
N THR F 178 20.40 -25.31 16.01
CA THR F 178 21.74 -25.84 15.91
C THR F 178 22.63 -25.16 16.96
N LEU F 179 23.29 -25.97 17.78
CA LEU F 179 24.21 -25.48 18.80
C LEU F 179 25.64 -25.74 18.31
N THR F 180 26.32 -24.67 17.92
CA THR F 180 27.66 -24.78 17.35
C THR F 180 28.68 -24.62 18.47
N LEU F 181 29.33 -25.72 18.83
CA LEU F 181 30.37 -25.74 19.85
C LEU F 181 31.72 -26.07 19.21
N SER F 182 32.73 -26.21 20.05
CA SER F 182 34.06 -26.63 19.63
C SER F 182 34.38 -27.98 20.26
N LYS F 183 35.29 -28.70 19.63
CA LYS F 183 35.65 -30.04 20.12
C LYS F 183 36.20 -29.98 21.55
N ALA F 184 36.89 -28.90 21.90
CA ALA F 184 37.37 -28.74 23.27
C ALA F 184 36.21 -28.43 24.22
N ASP F 185 35.32 -27.51 23.83
CA ASP F 185 34.20 -27.15 24.68
C ASP F 185 33.16 -28.26 24.76
N TYR F 186 32.96 -29.00 23.68
CA TYR F 186 31.96 -30.07 23.68
C TYR F 186 32.34 -31.16 24.68
N GLU F 187 33.62 -31.52 24.75
CA GLU F 187 34.06 -32.56 25.66
C GLU F 187 34.02 -32.14 27.11
N LYS F 188 33.86 -30.85 27.41
CA LYS F 188 33.87 -30.37 28.78
C LYS F 188 32.50 -30.47 29.46
N HIS F 189 31.46 -30.89 28.75
CA HIS F 189 30.12 -30.98 29.30
C HIS F 189 29.54 -32.36 29.02
N LYS F 190 28.66 -32.81 29.92
CA LYS F 190 28.11 -34.15 29.87
C LYS F 190 26.73 -34.20 29.24
N VAL F 191 25.79 -33.42 29.76
CA VAL F 191 24.38 -33.47 29.34
C VAL F 191 24.08 -32.26 28.48
N TYR F 192 23.46 -32.52 27.33
CA TYR F 192 23.02 -31.48 26.41
C TYR F 192 21.52 -31.62 26.19
N ALA F 193 20.78 -30.53 26.35
CA ALA F 193 19.33 -30.57 26.28
C ALA F 193 18.80 -29.30 25.64
N CYS F 194 17.61 -29.41 25.06
CA CYS F 194 16.87 -28.27 24.53
C CYS F 194 15.49 -28.25 25.18
N GLU F 195 15.11 -27.10 25.73
CA GLU F 195 13.81 -26.92 26.36
C GLU F 195 12.88 -26.20 25.40
N VAL F 196 11.72 -26.78 25.16
CA VAL F 196 10.78 -26.29 24.15
C VAL F 196 9.49 -25.88 24.85
N THR F 197 9.05 -24.64 24.60
CA THR F 197 7.80 -24.12 25.11
C THR F 197 6.89 -23.77 23.94
N HIS F 198 5.63 -24.18 24.01
CA HIS F 198 4.67 -23.92 22.96
C HIS F 198 3.29 -23.77 23.58
N GLN F 199 2.44 -22.98 22.93
CA GLN F 199 1.10 -22.74 23.46
C GLN F 199 0.26 -24.00 23.51
N GLY F 200 0.64 -25.03 22.77
CA GLY F 200 0.00 -26.33 22.86
C GLY F 200 0.48 -27.21 23.99
N LEU F 201 1.49 -26.77 24.75
CA LEU F 201 2.05 -27.53 25.84
C LEU F 201 1.80 -26.81 27.15
N SER F 202 1.21 -27.53 28.11
CA SER F 202 1.03 -26.97 29.45
C SER F 202 2.36 -26.76 30.15
N SER F 203 3.32 -27.66 29.92
CA SER F 203 4.64 -27.60 30.51
C SER F 203 5.70 -27.71 29.42
N PRO F 204 6.89 -27.16 29.64
CA PRO F 204 7.95 -27.32 28.65
C PRO F 204 8.43 -28.75 28.55
N VAL F 205 8.85 -29.14 27.35
CA VAL F 205 9.32 -30.49 27.05
C VAL F 205 10.81 -30.41 26.73
N THR F 206 11.59 -31.28 27.39
CA THR F 206 13.04 -31.27 27.25
C THR F 206 13.50 -32.62 26.71
N LYS F 207 14.31 -32.59 25.66
CA LYS F 207 14.96 -33.77 25.11
C LYS F 207 16.46 -33.64 25.34
N SER F 208 17.05 -34.66 25.96
CA SER F 208 18.46 -34.60 26.35
C SER F 208 19.15 -35.91 26.00
N PHE F 209 20.46 -35.81 25.78
CA PHE F 209 21.32 -36.98 25.56
C PHE F 209 22.60 -36.79 26.36
N ASN F 210 23.23 -37.91 26.70
CA ASN F 210 24.46 -37.91 27.48
C ASN F 210 25.63 -38.23 26.56
N ARG F 211 26.70 -37.44 26.67
CA ARG F 211 27.89 -37.62 25.84
C ARG F 211 28.58 -38.96 26.14
#